data_5JV4
#
_entry.id   5JV4
#
_cell.length_a   139.951
_cell.length_b   84.241
_cell.length_c   75.980
_cell.angle_alpha   90.00
_cell.angle_beta   90.85
_cell.angle_gamma   90.00
#
_symmetry.space_group_name_H-M   'C 1 2 1'
#
loop_
_entity.id
_entity.type
_entity.pdbx_description
1 polymer "Pyridoxamine 5'-phosphate oxidase-like FMN-binding protein"
2 non-polymer 'COENZYME F420'
3 non-polymer (4S)-2-METHYL-2,4-PENTANEDIOL
4 non-polymer (4R)-2-METHYLPENTANE-2,4-DIOL
5 non-polymer 'SODIUM ION'
6 water water
#
_entity_poly.entity_id   1
_entity_poly.type   'polypeptide(L)'
_entity_poly.pdbx_seq_one_letter_code
;HHHHHHENLYFGMAEFDAVTAFADAPAAVLSTLNADGAPHLVPVVFAVHVPHVEGQPARIYTAVDAKRKTTRNLRRLANI
DRDSRVSLLVDHYSDDWTQLWWVRADGVATTHHSGDEVATGYALLRAKYHQYERVSLDGPVISVEVSRWASWQA
;
_entity_poly.pdbx_strand_id   A,B,C,D,E,F
#
loop_
_chem_comp.id
_chem_comp.type
_chem_comp.name
_chem_comp.formula
F42 non-polymer 'COENZYME F420' 'C29 H36 N5 O18 P'
MPD non-polymer (4S)-2-METHYL-2,4-PENTANEDIOL 'C6 H14 O2'
MRD non-polymer (4R)-2-METHYLPENTANE-2,4-DIOL 'C6 H14 O2'
NA non-polymer 'SODIUM ION' 'Na 1'
#
# COMPACT_ATOMS: atom_id res chain seq x y z
N MET A 13 -14.59 22.82 -20.50
CA MET A 13 -15.59 23.85 -20.18
C MET A 13 -16.97 23.29 -20.43
N ALA A 14 -17.83 23.43 -19.43
CA ALA A 14 -19.23 23.04 -19.56
C ALA A 14 -20.00 24.13 -20.35
N GLU A 15 -21.27 23.83 -20.69
CA GLU A 15 -22.04 24.77 -21.55
C GLU A 15 -22.87 25.73 -20.69
N PHE A 16 -22.15 26.51 -19.90
CA PHE A 16 -22.68 27.69 -19.30
C PHE A 16 -21.52 28.66 -19.24
N ASP A 17 -21.83 29.89 -18.83
CA ASP A 17 -20.83 30.92 -18.79
C ASP A 17 -20.13 30.70 -17.47
N ALA A 18 -18.97 30.07 -17.55
CA ALA A 18 -18.19 29.67 -16.38
C ALA A 18 -17.63 30.90 -15.67
N VAL A 19 -17.03 31.84 -16.42
CA VAL A 19 -16.41 32.99 -15.75
C VAL A 19 -17.48 33.80 -14.99
N THR A 20 -18.65 34.03 -15.61
CA THR A 20 -19.69 34.79 -14.88
C THR A 20 -20.19 34.01 -13.66
N ALA A 21 -20.38 32.70 -13.79
CA ALA A 21 -20.86 31.90 -12.69
C ALA A 21 -19.85 31.93 -11.50
N PHE A 22 -18.57 31.82 -11.82
CA PHE A 22 -17.49 31.92 -10.81
C PHE A 22 -17.52 33.32 -10.18
N ALA A 23 -17.59 34.36 -11.04
CA ALA A 23 -17.56 35.75 -10.57
C ALA A 23 -18.69 36.10 -9.63
N ASP A 24 -19.86 35.52 -9.87
CA ASP A 24 -21.07 35.89 -9.14
C ASP A 24 -21.16 35.16 -7.83
N ALA A 25 -20.40 34.08 -7.66
CA ALA A 25 -20.46 33.29 -6.43
C ALA A 25 -19.81 34.07 -5.29
N PRO A 26 -20.27 33.88 -4.02
CA PRO A 26 -19.66 34.65 -2.92
C PRO A 26 -18.37 34.14 -2.34
N ALA A 27 -18.08 32.83 -2.41
CA ALA A 27 -16.91 32.25 -1.78
C ALA A 27 -16.27 31.20 -2.68
N ALA A 28 -14.94 31.13 -2.60
CA ALA A 28 -14.16 30.15 -3.35
C ALA A 28 -13.16 29.51 -2.40
N VAL A 29 -12.55 28.41 -2.82
CA VAL A 29 -11.45 27.83 -2.07
C VAL A 29 -10.18 28.13 -2.90
N LEU A 30 -9.18 28.62 -2.21
CA LEU A 30 -7.86 28.96 -2.70
C LEU A 30 -6.83 27.91 -2.29
N SER A 31 -6.14 27.34 -3.26
CA SER A 31 -5.10 26.37 -3.00
C SER A 31 -3.72 26.93 -3.36
N THR A 32 -2.82 26.86 -2.38
CA THR A 32 -1.46 27.27 -2.53
C THR A 32 -0.56 26.04 -2.17
N LEU A 33 0.74 26.18 -2.38
CA LEU A 33 1.73 25.12 -2.10
C LEU A 33 2.53 25.49 -0.87
N ASN A 34 2.62 24.55 0.04
CA ASN A 34 3.53 24.74 1.17
C ASN A 34 5.01 24.72 0.70
N ALA A 35 5.95 25.09 1.62
CA ALA A 35 7.33 25.11 1.25
C ALA A 35 7.85 23.83 0.71
N ASP A 36 7.30 22.76 1.21
CA ASP A 36 7.71 21.43 0.79
C ASP A 36 6.92 20.87 -0.40
N GLY A 37 6.09 21.73 -0.95
CA GLY A 37 5.32 21.45 -2.19
C GLY A 37 3.95 20.86 -1.90
N ALA A 38 3.64 20.50 -0.65
CA ALA A 38 2.27 19.96 -0.34
C ALA A 38 1.16 20.97 -0.49
N PRO A 39 -0.04 20.49 -0.87
CA PRO A 39 -1.13 21.46 -0.99
C PRO A 39 -1.66 22.01 0.34
N HIS A 40 -2.21 23.20 0.26
CA HIS A 40 -2.80 23.92 1.37
C HIS A 40 -4.07 24.64 0.92
N LEU A 41 -5.11 24.63 1.71
CA LEU A 41 -6.37 25.26 1.31
C LEU A 41 -6.93 26.25 2.34
N VAL A 42 -7.42 27.38 1.84
CA VAL A 42 -8.10 28.34 2.67
C VAL A 42 -9.29 28.86 1.89
N PRO A 43 -10.38 29.25 2.60
CA PRO A 43 -11.49 29.84 1.86
C PRO A 43 -11.27 31.30 1.65
N VAL A 44 -11.85 31.87 0.59
CA VAL A 44 -11.70 33.31 0.36
C VAL A 44 -13.01 33.93 -0.17
N VAL A 45 -13.22 35.22 0.07
CA VAL A 45 -14.15 35.99 -0.76
C VAL A 45 -13.24 36.68 -1.75
N PHE A 46 -13.81 37.17 -2.84
CA PHE A 46 -12.99 37.53 -3.98
C PHE A 46 -13.77 38.29 -4.96
N ALA A 47 -13.07 38.95 -5.87
CA ALA A 47 -13.72 39.54 -7.00
C ALA A 47 -12.94 39.37 -8.30
N VAL A 48 -13.66 39.05 -9.37
CA VAL A 48 -13.04 38.80 -10.66
C VAL A 48 -13.04 40.09 -11.45
N HIS A 49 -11.93 40.42 -12.08
CA HIS A 49 -11.86 41.48 -13.05
C HIS A 49 -11.75 40.89 -14.47
N VAL A 50 -12.78 41.10 -15.25
CA VAL A 50 -12.83 40.47 -16.60
C VAL A 50 -11.99 41.28 -17.62
N PRO A 51 -11.35 40.61 -18.59
CA PRO A 51 -10.39 41.41 -19.36
C PRO A 51 -11.04 42.59 -20.14
N HIS A 52 -10.27 43.66 -20.28
CA HIS A 52 -10.66 44.80 -21.15
C HIS A 52 -10.56 44.42 -22.66
N VAL A 53 -9.44 43.81 -23.02
CA VAL A 53 -9.18 43.38 -24.38
C VAL A 53 -9.36 41.88 -24.49
N GLU A 54 -9.93 41.44 -25.60
CA GLU A 54 -10.00 40.01 -25.94
C GLU A 54 -8.56 39.43 -25.91
N GLY A 55 -8.42 38.15 -25.58
CA GLY A 55 -7.09 37.56 -25.39
C GLY A 55 -6.37 37.84 -24.07
N GLN A 56 -6.75 38.91 -23.34
CA GLN A 56 -6.10 39.22 -22.05
C GLN A 56 -6.70 38.38 -20.90
N PRO A 57 -5.89 38.11 -19.86
CA PRO A 57 -6.39 37.23 -18.82
C PRO A 57 -7.28 37.95 -17.83
N ALA A 58 -8.23 37.21 -17.27
CA ALA A 58 -8.95 37.64 -16.10
C ALA A 58 -7.99 37.69 -14.91
N ARG A 59 -8.29 38.55 -13.95
CA ARG A 59 -7.58 38.57 -12.69
C ARG A 59 -8.57 38.51 -11.55
N ILE A 60 -8.16 37.81 -10.51
CA ILE A 60 -8.96 37.59 -9.35
C ILE A 60 -8.29 38.24 -8.15
N TYR A 61 -9.10 38.98 -7.33
CA TYR A 61 -8.58 39.78 -6.22
C TYR A 61 -9.17 39.27 -4.90
N THR A 62 -8.35 39.20 -3.88
CA THR A 62 -8.81 38.85 -2.50
C THR A 62 -7.93 39.65 -1.55
N ALA A 63 -8.51 40.11 -0.46
CA ALA A 63 -7.77 40.95 0.48
C ALA A 63 -7.53 40.15 1.73
N VAL A 64 -6.40 40.39 2.40
CA VAL A 64 -6.13 39.75 3.66
C VAL A 64 -6.44 40.70 4.81
N ASP A 65 -7.32 40.26 5.70
CA ASP A 65 -7.75 41.07 6.87
C ASP A 65 -6.53 41.26 7.83
N ALA A 66 -6.14 42.50 8.06
CA ALA A 66 -5.00 42.80 8.92
C ALA A 66 -5.31 43.72 10.12
N LYS A 67 -4.86 43.28 11.29
CA LYS A 67 -4.82 44.07 12.51
C LYS A 67 -3.61 44.99 12.48
N ARG A 68 -3.65 46.11 13.19
CA ARG A 68 -2.52 47.02 13.21
C ARG A 68 -1.31 46.25 13.74
N LYS A 69 -0.16 46.43 13.08
CA LYS A 69 1.03 45.66 13.42
C LYS A 69 2.32 46.35 13.01
N THR A 70 3.43 45.89 13.57
CA THR A 70 4.75 46.40 13.22
C THR A 70 5.05 46.07 11.75
N THR A 71 5.80 46.94 11.10
CA THR A 71 6.04 46.80 9.66
C THR A 71 6.77 45.51 9.33
N ARG A 72 7.75 45.14 10.16
CA ARG A 72 8.49 43.90 9.93
C ARG A 72 8.58 43.06 11.18
N ASN A 73 7.46 42.47 11.59
CA ASN A 73 7.43 41.58 12.75
C ASN A 73 6.63 40.30 12.49
N LEU A 74 5.32 40.44 12.32
CA LEU A 74 4.45 39.29 12.14
C LEU A 74 4.74 38.52 10.87
N ARG A 75 4.64 37.20 10.92
CA ARG A 75 4.99 36.36 9.77
C ARG A 75 3.87 35.41 9.35
N ARG A 76 3.81 35.12 8.05
CA ARG A 76 2.80 34.22 7.51
C ARG A 76 3.41 32.87 7.11
N LEU A 77 2.84 31.81 7.66
CA LEU A 77 3.38 30.45 7.51
C LEU A 77 3.42 29.85 6.10
N ALA A 78 2.30 29.97 5.40
CA ALA A 78 2.11 29.44 4.06
C ALA A 78 2.82 30.30 3.04
N ASN A 79 3.16 29.74 1.89
CA ASN A 79 3.87 30.53 0.90
C ASN A 79 3.17 30.70 -0.45
N ILE A 80 3.15 31.93 -0.94
CA ILE A 80 2.72 32.23 -2.33
C ILE A 80 3.88 32.98 -2.94
N ASP A 81 4.51 33.59 -2.02
CA ASP A 81 5.63 34.45 -2.32
C ASP A 81 6.77 33.53 -2.73
N ARG A 82 6.96 32.38 -2.07
CA ARG A 82 7.90 31.32 -2.55
C ARG A 82 7.56 30.45 -3.81
N ASP A 83 6.32 29.96 -3.83
CA ASP A 83 5.67 29.42 -5.01
C ASP A 83 4.43 30.27 -5.28
N SER A 84 4.31 30.76 -6.50
CA SER A 84 3.20 31.64 -6.88
C SER A 84 2.01 30.93 -7.53
N ARG A 85 2.10 29.62 -7.69
CA ARG A 85 1.05 28.87 -8.44
C ARG A 85 -0.15 28.61 -7.52
N VAL A 86 -1.32 28.97 -7.99
CA VAL A 86 -2.50 28.80 -7.18
C VAL A 86 -3.63 28.22 -8.02
N SER A 87 -4.64 27.69 -7.36
CA SER A 87 -5.89 27.35 -8.02
C SER A 87 -7.05 27.76 -7.14
N LEU A 88 -8.17 28.17 -7.75
CA LEU A 88 -9.33 28.61 -7.01
C LEU A 88 -10.54 27.88 -7.57
N LEU A 89 -11.39 27.41 -6.67
CA LEU A 89 -12.56 26.63 -7.06
C LEU A 89 -13.79 27.16 -6.42
N VAL A 90 -14.82 27.39 -7.26
CA VAL A 90 -16.15 27.71 -6.81
C VAL A 90 -16.96 26.44 -7.10
N ASP A 91 -17.66 25.98 -6.09
CA ASP A 91 -18.61 24.84 -6.24
C ASP A 91 -20.01 25.33 -5.86
N HIS A 92 -20.99 24.94 -6.66
CA HIS A 92 -22.35 25.11 -6.28
C HIS A 92 -22.88 23.78 -5.89
N TYR A 93 -22.91 23.55 -4.59
CA TYR A 93 -23.45 22.33 -4.04
C TYR A 93 -24.94 22.52 -3.72
N SER A 94 -25.69 21.46 -3.97
CA SER A 94 -27.07 21.34 -3.56
C SER A 94 -27.30 19.88 -3.12
N ASP A 95 -28.18 19.65 -2.15
CA ASP A 95 -28.59 18.27 -1.84
C ASP A 95 -29.22 17.63 -3.06
N ASP A 96 -29.80 18.44 -3.93
CA ASP A 96 -30.29 17.91 -5.19
C ASP A 96 -29.09 17.89 -6.11
N TRP A 97 -28.57 16.70 -6.33
CA TRP A 97 -27.44 16.49 -7.17
C TRP A 97 -27.61 16.82 -8.64
N THR A 98 -28.84 16.90 -9.14
CA THR A 98 -29.03 17.43 -10.49
C THR A 98 -28.58 18.90 -10.63
N GLN A 99 -28.37 19.63 -9.53
CA GLN A 99 -28.13 21.07 -9.61
C GLN A 99 -26.65 21.43 -9.34
N LEU A 100 -25.79 20.42 -9.32
CA LEU A 100 -24.36 20.64 -9.06
C LEU A 100 -23.66 21.28 -10.24
N TRP A 101 -22.72 22.19 -9.96
CA TRP A 101 -21.81 22.66 -10.98
C TRP A 101 -20.57 23.23 -10.25
N TRP A 102 -19.45 23.32 -10.96
CA TRP A 102 -18.25 23.99 -10.43
C TRP A 102 -17.45 24.66 -11.54
N VAL A 103 -16.60 25.60 -11.10
CA VAL A 103 -15.68 26.34 -11.96
C VAL A 103 -14.37 26.48 -11.22
N ARG A 104 -13.30 26.16 -11.92
CA ARG A 104 -11.93 26.25 -11.40
C ARG A 104 -11.14 27.22 -12.19
N ALA A 105 -10.28 28.03 -11.53
CA ALA A 105 -9.41 28.93 -12.22
C ALA A 105 -8.00 28.67 -11.72
N ASP A 106 -7.08 28.46 -12.64
CA ASP A 106 -5.70 28.21 -12.27
C ASP A 106 -4.84 29.41 -12.65
N GLY A 107 -3.89 29.76 -11.83
CA GLY A 107 -3.08 30.92 -12.20
C GLY A 107 -1.89 31.20 -11.30
N VAL A 108 -1.40 32.42 -11.40
CA VAL A 108 -0.24 32.86 -10.63
C VAL A 108 -0.66 34.01 -9.73
N ALA A 109 -0.32 33.92 -8.45
CA ALA A 109 -0.69 34.93 -7.46
C ALA A 109 0.47 35.86 -7.14
N THR A 110 0.13 37.10 -6.93
CA THR A 110 1.08 38.15 -6.56
C THR A 110 0.49 38.92 -5.38
N THR A 111 1.28 39.14 -4.32
CA THR A 111 0.81 39.80 -3.12
C THR A 111 1.25 41.25 -3.26
N HIS A 112 0.40 42.20 -2.87
CA HIS A 112 0.63 43.66 -3.10
C HIS A 112 0.35 44.33 -1.77
N HIS A 113 1.31 45.15 -1.31
CA HIS A 113 1.11 45.95 -0.10
C HIS A 113 0.78 47.39 -0.35
N SER A 114 0.99 47.87 -1.58
CA SER A 114 0.54 49.20 -1.95
C SER A 114 0.44 49.23 -3.46
N GLY A 115 0.04 50.35 -4.04
CA GLY A 115 -0.03 50.48 -5.48
C GLY A 115 -1.40 50.16 -6.10
N ASP A 116 -1.45 50.21 -7.42
CA ASP A 116 -2.68 49.96 -8.19
C ASP A 116 -3.51 48.77 -7.76
N GLU A 117 -2.82 47.67 -7.44
CA GLU A 117 -3.50 46.43 -7.27
C GLU A 117 -4.24 46.40 -5.97
N VAL A 118 -3.70 47.04 -4.93
CA VAL A 118 -4.41 47.16 -3.71
C VAL A 118 -5.67 48.00 -3.92
N ALA A 119 -5.56 49.13 -4.61
CA ALA A 119 -6.71 50.02 -4.83
C ALA A 119 -7.83 49.33 -5.64
N THR A 120 -7.40 48.68 -6.72
CA THR A 120 -8.27 47.92 -7.55
C THR A 120 -8.93 46.79 -6.80
N GLY A 121 -8.18 45.98 -6.06
CA GLY A 121 -8.80 44.91 -5.30
C GLY A 121 -9.80 45.41 -4.26
N TYR A 122 -9.47 46.48 -3.50
CA TYR A 122 -10.42 46.98 -2.50
C TYR A 122 -11.67 47.49 -3.23
N ALA A 123 -11.51 48.16 -4.36
CA ALA A 123 -12.67 48.78 -5.03
C ALA A 123 -13.57 47.66 -5.52
N LEU A 124 -13.00 46.62 -6.12
CA LEU A 124 -13.83 45.57 -6.68
C LEU A 124 -14.55 44.74 -5.55
N LEU A 125 -13.86 44.47 -4.45
CA LEU A 125 -14.43 43.81 -3.35
C LEU A 125 -15.59 44.59 -2.71
N ARG A 126 -15.40 45.88 -2.51
CA ARG A 126 -16.47 46.78 -2.07
C ARG A 126 -17.68 46.82 -2.99
N ALA A 127 -17.44 46.79 -4.32
CA ALA A 127 -18.53 46.75 -5.23
C ALA A 127 -19.33 45.44 -5.10
N LYS A 128 -18.67 44.32 -4.81
CA LYS A 128 -19.36 43.03 -4.79
C LYS A 128 -20.04 42.73 -3.46
N TYR A 129 -19.38 43.04 -2.36
CA TYR A 129 -19.80 42.56 -1.03
C TYR A 129 -20.34 43.72 -0.19
N HIS A 130 -21.63 43.72 0.11
CA HIS A 130 -22.25 44.74 0.97
C HIS A 130 -21.62 44.76 2.34
N GLN A 131 -21.15 43.61 2.77
CA GLN A 131 -20.51 43.43 4.10
C GLN A 131 -19.38 44.36 4.34
N TYR A 132 -18.68 44.81 3.27
CA TYR A 132 -17.51 45.65 3.45
C TYR A 132 -17.91 47.10 3.80
N GLU A 133 -19.20 47.37 3.88
CA GLU A 133 -19.63 48.66 4.46
C GLU A 133 -19.28 48.77 5.94
N ARG A 134 -19.22 47.65 6.63
CA ARG A 134 -18.96 47.63 8.06
C ARG A 134 -17.74 46.80 8.49
N VAL A 135 -17.00 46.25 7.52
CA VAL A 135 -15.75 45.55 7.76
C VAL A 135 -14.68 46.30 6.99
N SER A 136 -13.60 46.70 7.68
CA SER A 136 -12.57 47.54 7.04
C SER A 136 -11.70 46.73 6.07
N LEU A 137 -11.07 47.44 5.14
CA LEU A 137 -10.08 46.88 4.20
C LEU A 137 -8.80 47.66 4.37
N ASP A 138 -7.87 46.97 5.01
CA ASP A 138 -6.65 47.51 5.49
C ASP A 138 -5.39 46.70 5.24
N GLY A 139 -5.59 45.49 4.74
CA GLY A 139 -4.54 44.50 4.55
C GLY A 139 -4.06 44.38 3.13
N PRO A 140 -3.04 43.56 2.93
CA PRO A 140 -2.53 43.40 1.58
C PRO A 140 -3.54 42.64 0.66
N VAL A 141 -3.35 42.80 -0.62
CA VAL A 141 -4.27 42.23 -1.68
C VAL A 141 -3.47 41.23 -2.50
N ILE A 142 -4.06 40.05 -2.71
CA ILE A 142 -3.54 39.04 -3.59
C ILE A 142 -4.24 39.17 -4.91
N SER A 143 -3.46 39.25 -6.00
CA SER A 143 -3.95 39.33 -7.36
C SER A 143 -3.57 38.04 -8.04
N VAL A 144 -4.52 37.37 -8.69
CA VAL A 144 -4.20 36.10 -9.36
C VAL A 144 -4.48 36.31 -10.84
N GLU A 145 -3.44 36.06 -11.65
CA GLU A 145 -3.56 36.12 -13.06
C GLU A 145 -3.95 34.78 -13.58
N VAL A 146 -5.17 34.67 -14.19
CA VAL A 146 -5.70 33.36 -14.58
C VAL A 146 -5.20 32.87 -15.91
N SER A 147 -4.57 31.72 -15.88
CA SER A 147 -4.09 31.12 -17.09
C SER A 147 -4.95 29.97 -17.63
N ARG A 148 -5.83 29.42 -16.83
CA ARG A 148 -6.68 28.32 -17.30
C ARG A 148 -7.99 28.32 -16.50
N TRP A 149 -9.09 28.14 -17.22
CA TRP A 149 -10.43 27.96 -16.64
C TRP A 149 -10.91 26.55 -16.97
N ALA A 150 -11.58 25.93 -16.02
CA ALA A 150 -12.27 24.69 -16.24
C ALA A 150 -13.65 24.71 -15.59
N SER A 151 -14.61 23.94 -16.08
CA SER A 151 -15.93 23.90 -15.49
C SER A 151 -16.65 22.58 -15.80
N TRP A 152 -17.67 22.31 -15.01
CA TRP A 152 -18.43 21.11 -15.10
C TRP A 152 -19.84 21.41 -14.62
N GLN A 153 -20.83 20.68 -15.17
CA GLN A 153 -22.17 20.65 -14.63
C GLN A 153 -22.73 19.23 -14.68
N ALA A 154 -23.66 18.99 -13.77
CA ALA A 154 -24.37 17.71 -13.64
C ALA A 154 -25.13 17.33 -14.88
N PHE B 16 25.69 4.60 5.74
CA PHE B 16 24.60 3.87 6.50
C PHE B 16 23.17 4.34 6.11
N ASP B 17 22.42 3.43 5.50
CA ASP B 17 21.02 3.71 5.25
C ASP B 17 20.21 2.89 6.21
N ALA B 18 19.53 3.61 7.07
CA ALA B 18 18.89 3.00 8.23
C ALA B 18 17.71 2.10 7.82
N VAL B 19 16.92 2.56 6.89
CA VAL B 19 15.75 1.77 6.46
C VAL B 19 16.15 0.43 5.86
N THR B 20 17.13 0.45 4.94
CA THR B 20 17.68 -0.77 4.37
C THR B 20 18.28 -1.70 5.41
N ALA B 21 19.00 -1.17 6.36
CA ALA B 21 19.61 -2.01 7.38
C ALA B 21 18.53 -2.68 8.25
N PHE B 22 17.51 -1.89 8.62
CA PHE B 22 16.35 -2.38 9.34
C PHE B 22 15.65 -3.49 8.53
N ALA B 23 15.32 -3.20 7.28
CA ALA B 23 14.60 -4.08 6.42
C ALA B 23 15.26 -5.43 6.23
N ASP B 24 16.56 -5.41 6.21
CA ASP B 24 17.36 -6.61 5.93
C ASP B 24 17.59 -7.48 7.12
N ALA B 25 17.37 -6.94 8.34
CA ALA B 25 17.59 -7.76 9.55
C ALA B 25 16.55 -8.83 9.72
N PRO B 26 16.91 -9.96 10.34
CA PRO B 26 15.96 -11.03 10.45
C PRO B 26 14.88 -10.88 11.56
N ALA B 27 15.20 -10.15 12.62
CA ALA B 27 14.25 -9.97 13.70
C ALA B 27 14.30 -8.57 14.32
N ALA B 28 13.15 -8.19 14.87
CA ALA B 28 12.97 -6.92 15.55
C ALA B 28 12.28 -7.16 16.90
N VAL B 29 12.29 -6.17 17.80
CA VAL B 29 11.47 -6.23 18.98
C VAL B 29 10.31 -5.26 18.72
N LEU B 30 9.09 -5.75 18.88
CA LEU B 30 7.88 -5.00 18.78
C LEU B 30 7.37 -4.63 20.18
N SER B 31 7.07 -3.35 20.39
CA SER B 31 6.44 -2.90 21.63
C SER B 31 5.04 -2.33 21.32
N THR B 32 4.04 -2.88 22.03
CA THR B 32 2.64 -2.45 22.00
C THR B 32 2.31 -2.05 23.44
N LEU B 33 1.17 -1.43 23.59
CA LEU B 33 0.69 -1.01 24.89
C LEU B 33 -0.37 -1.97 25.41
N ASN B 34 -0.14 -2.46 26.63
CA ASN B 34 -1.16 -3.28 27.30
C ASN B 34 -2.32 -2.41 27.70
N ALA B 35 -3.43 -3.03 28.09
CA ALA B 35 -4.66 -2.26 28.39
C ALA B 35 -4.43 -1.31 29.55
N ASP B 36 -3.46 -1.62 30.42
CA ASP B 36 -3.08 -0.74 31.49
C ASP B 36 -2.13 0.39 31.10
N GLY B 37 -1.71 0.46 29.83
CA GLY B 37 -0.77 1.46 29.40
C GLY B 37 0.72 1.03 29.44
N ALA B 38 1.03 -0.15 29.96
CA ALA B 38 2.44 -0.58 30.15
C ALA B 38 2.95 -1.13 28.82
N PRO B 39 4.24 -0.91 28.54
CA PRO B 39 4.87 -1.58 27.36
C PRO B 39 4.87 -3.10 27.39
N HIS B 40 4.45 -3.75 26.29
CA HIS B 40 4.51 -5.20 26.09
C HIS B 40 5.50 -5.50 24.94
N LEU B 41 6.61 -6.16 25.22
CA LEU B 41 7.67 -6.48 24.28
C LEU B 41 7.75 -7.93 23.87
N VAL B 42 7.85 -8.15 22.57
CA VAL B 42 8.09 -9.51 22.03
C VAL B 42 8.95 -9.35 20.80
N PRO B 43 9.78 -10.36 20.46
CA PRO B 43 10.47 -10.37 19.15
C PRO B 43 9.55 -10.81 18.04
N VAL B 44 9.80 -10.29 16.87
CA VAL B 44 9.01 -10.56 15.69
C VAL B 44 9.95 -10.77 14.50
N VAL B 45 9.49 -11.51 13.50
CA VAL B 45 10.04 -11.41 12.15
C VAL B 45 9.11 -10.52 11.33
N PHE B 46 9.58 -9.90 10.25
CA PHE B 46 8.82 -8.81 9.66
C PHE B 46 9.34 -8.56 8.27
N ALA B 47 8.57 -7.83 7.48
CA ALA B 47 9.01 -7.42 6.19
C ALA B 47 8.62 -6.02 5.95
N VAL B 48 9.47 -5.27 5.30
CA VAL B 48 9.29 -3.82 5.12
C VAL B 48 8.94 -3.54 3.64
N HIS B 49 7.89 -2.75 3.38
CA HIS B 49 7.59 -2.22 2.10
C HIS B 49 7.87 -0.77 2.10
N VAL B 50 8.91 -0.38 1.34
CA VAL B 50 9.30 1.01 1.38
C VAL B 50 8.46 1.73 0.35
N PRO B 51 8.19 2.99 0.63
CA PRO B 51 7.22 3.61 -0.21
C PRO B 51 7.75 3.88 -1.60
N HIS B 52 6.86 3.84 -2.56
CA HIS B 52 7.12 4.14 -3.97
C HIS B 52 6.69 5.60 -4.35
N VAL B 53 5.85 6.17 -3.50
CA VAL B 53 4.97 7.26 -3.86
C VAL B 53 5.23 8.28 -2.78
N GLU B 54 5.63 9.47 -3.18
CA GLU B 54 5.92 10.53 -2.26
C GLU B 54 4.78 10.73 -1.24
N GLY B 55 5.19 10.85 0.02
CA GLY B 55 4.35 11.04 1.16
C GLY B 55 3.79 9.78 1.80
N GLN B 56 3.88 8.62 1.13
CA GLN B 56 3.34 7.42 1.71
C GLN B 56 4.34 6.93 2.79
N PRO B 57 3.84 6.53 3.93
CA PRO B 57 4.75 5.93 4.94
C PRO B 57 5.26 4.56 4.52
N ALA B 58 6.41 4.16 5.04
CA ALA B 58 6.82 2.79 4.95
C ALA B 58 5.88 1.96 5.73
N ARG B 59 5.71 0.71 5.27
CA ARG B 59 4.85 -0.21 5.93
C ARG B 59 5.58 -1.45 6.39
N ILE B 60 5.36 -1.88 7.60
CA ILE B 60 6.07 -3.04 8.17
C ILE B 60 5.02 -4.08 8.47
N TYR B 61 5.25 -5.33 8.02
CA TYR B 61 4.27 -6.43 8.18
C TYR B 61 4.83 -7.50 9.03
N THR B 62 4.04 -8.01 9.95
CA THR B 62 4.38 -9.23 10.67
C THR B 62 3.13 -10.09 10.70
N ALA B 63 3.30 -11.37 10.55
CA ALA B 63 2.18 -12.31 10.58
C ALA B 63 2.10 -12.91 11.94
N VAL B 64 0.90 -12.92 12.54
CA VAL B 64 0.65 -13.53 13.80
C VAL B 64 0.34 -15.00 13.61
N ASP B 65 1.04 -15.86 14.30
CA ASP B 65 0.86 -17.28 14.02
C ASP B 65 -0.52 -17.75 14.55
N ALA B 66 -1.37 -18.30 13.69
CA ALA B 66 -2.60 -18.93 14.17
C ALA B 66 -2.23 -20.34 14.63
N LYS B 67 -2.82 -20.76 15.74
CA LYS B 67 -2.71 -22.18 16.17
C LYS B 67 -4.08 -22.79 16.22
N ARG B 68 -4.22 -23.94 15.57
CA ARG B 68 -5.52 -24.66 15.51
C ARG B 68 -6.55 -23.67 14.92
N LYS B 69 -6.09 -22.85 13.97
CA LYS B 69 -6.92 -21.97 13.17
C LYS B 69 -7.41 -20.70 13.88
N THR B 70 -7.01 -20.46 15.14
CA THR B 70 -7.50 -19.27 15.85
C THR B 70 -6.36 -18.49 16.49
N THR B 71 -6.70 -17.31 17.02
CA THR B 71 -5.75 -16.51 17.78
C THR B 71 -6.24 -16.42 19.22
N ARG B 72 -6.98 -17.43 19.67
CA ARG B 72 -7.55 -17.39 21.02
C ARG B 72 -6.50 -17.35 22.14
N ASN B 73 -5.32 -17.90 21.90
CA ASN B 73 -4.28 -17.89 22.95
C ASN B 73 -3.50 -16.60 23.02
N LEU B 74 -3.85 -15.63 22.16
CA LEU B 74 -3.13 -14.39 22.08
C LEU B 74 -3.94 -13.27 22.69
N ARG B 75 -3.86 -13.17 23.99
CA ARG B 75 -4.54 -12.17 24.78
C ARG B 75 -4.05 -10.75 24.53
N ARG B 76 -2.80 -10.64 24.17
CA ARG B 76 -2.15 -9.35 24.01
C ARG B 76 -2.35 -8.81 22.60
N LEU B 77 -2.94 -9.61 21.73
CA LEU B 77 -3.16 -9.17 20.34
C LEU B 77 -4.15 -8.03 20.22
N ALA B 78 -5.13 -8.04 21.08
CA ALA B 78 -6.10 -7.00 21.08
C ALA B 78 -5.54 -5.66 21.59
N ASN B 79 -4.34 -5.65 22.16
CA ASN B 79 -3.63 -4.40 22.50
C ASN B 79 -3.74 -3.37 21.40
N ILE B 80 -3.43 -3.83 20.16
CA ILE B 80 -3.41 -2.98 18.98
C ILE B 80 -4.80 -2.44 18.63
N ASP B 81 -5.84 -3.17 18.96
CA ASP B 81 -7.18 -2.68 18.70
C ASP B 81 -7.67 -1.61 19.74
N ARG B 82 -6.93 -1.47 20.84
CA ARG B 82 -7.23 -0.49 21.86
C ARG B 82 -6.31 0.74 21.79
N ASP B 83 -5.06 0.52 21.42
CA ASP B 83 -4.11 1.59 21.28
C ASP B 83 -3.17 1.16 20.16
N SER B 84 -3.19 1.90 19.07
CA SER B 84 -2.48 1.49 17.88
C SER B 84 -1.00 1.84 17.88
N ARG B 85 -0.58 2.61 18.87
CA ARG B 85 0.75 3.15 18.88
C ARG B 85 1.83 2.07 19.25
N VAL B 86 2.82 1.91 18.37
CA VAL B 86 3.84 0.88 18.51
C VAL B 86 5.21 1.42 18.13
N SER B 87 6.21 0.67 18.56
CA SER B 87 7.57 0.90 18.23
C SER B 87 8.21 -0.42 17.88
N LEU B 88 9.07 -0.39 16.86
CA LEU B 88 9.87 -1.56 16.47
C LEU B 88 11.35 -1.24 16.39
N LEU B 89 12.18 -2.10 16.97
CA LEU B 89 13.59 -1.85 17.01
C LEU B 89 14.38 -2.98 16.42
N VAL B 90 15.31 -2.66 15.51
CA VAL B 90 16.36 -3.62 15.11
C VAL B 90 17.69 -3.19 15.76
N ASP B 91 18.33 -4.08 16.52
CA ASP B 91 19.64 -3.81 17.20
C ASP B 91 20.66 -4.69 16.57
N HIS B 92 21.83 -4.14 16.34
CA HIS B 92 23.01 -4.90 15.89
C HIS B 92 24.01 -4.78 17.00
N TYR B 93 24.06 -5.81 17.80
CA TYR B 93 25.03 -5.93 18.92
C TYR B 93 26.33 -6.62 18.45
N SER B 94 27.46 -6.24 19.02
CA SER B 94 28.70 -6.99 18.78
C SER B 94 29.53 -6.82 20.04
N ASP B 95 30.33 -7.84 20.38
CA ASP B 95 31.35 -7.71 21.43
C ASP B 95 32.21 -6.48 21.19
N ASP B 96 32.41 -6.14 19.93
CA ASP B 96 33.15 -4.94 19.63
C ASP B 96 32.14 -3.80 19.67
N TRP B 97 32.33 -2.88 20.60
CA TRP B 97 31.41 -1.82 20.75
C TRP B 97 31.59 -0.73 19.73
N THR B 98 32.61 -0.83 18.85
CA THR B 98 32.67 0.10 17.77
C THR B 98 31.76 -0.42 16.65
N GLN B 99 31.24 -1.64 16.79
CA GLN B 99 30.42 -2.22 15.73
C GLN B 99 28.92 -1.99 15.93
N LEU B 100 28.55 -1.26 16.97
CA LEU B 100 27.11 -1.20 17.39
C LEU B 100 26.29 -0.27 16.47
N TRP B 101 25.03 -0.66 16.21
CA TRP B 101 24.12 0.26 15.60
C TRP B 101 22.65 -0.24 15.89
N TRP B 102 21.74 0.68 15.77
CA TRP B 102 20.32 0.35 15.89
C TRP B 102 19.47 1.24 15.02
N VAL B 103 18.31 0.70 14.64
CA VAL B 103 17.29 1.48 13.88
C VAL B 103 15.92 1.20 14.54
N ARG B 104 15.16 2.26 14.78
CA ARG B 104 13.83 2.17 15.36
C ARG B 104 12.73 2.82 14.50
N ALA B 105 11.63 2.11 14.32
CA ALA B 105 10.41 2.61 13.58
C ALA B 105 9.30 2.78 14.62
N ASP B 106 8.82 4.01 14.78
CA ASP B 106 7.62 4.36 15.56
C ASP B 106 6.44 4.56 14.57
N GLY B 107 5.31 3.97 14.89
CA GLY B 107 4.15 4.16 14.03
C GLY B 107 2.86 3.60 14.59
N VAL B 108 1.93 3.31 13.67
CA VAL B 108 0.55 3.03 13.97
C VAL B 108 0.27 1.67 13.32
N ALA B 109 -0.13 0.74 14.14
CA ALA B 109 -0.40 -0.64 13.76
C ALA B 109 -1.88 -0.92 13.64
N THR B 110 -2.21 -1.70 12.63
CA THR B 110 -3.51 -2.23 12.44
C THR B 110 -3.43 -3.74 12.19
N THR B 111 -4.30 -4.50 12.85
CA THR B 111 -4.41 -5.92 12.63
C THR B 111 -5.39 -6.22 11.55
N HIS B 112 -4.96 -6.89 10.47
CA HIS B 112 -5.87 -7.28 9.39
C HIS B 112 -6.18 -8.71 9.34
N HIS B 113 -7.50 -8.99 9.28
CA HIS B 113 -7.97 -10.34 9.25
C HIS B 113 -8.40 -10.69 7.86
N SER B 114 -8.51 -9.72 6.95
CA SER B 114 -8.66 -10.09 5.56
C SER B 114 -8.26 -8.93 4.70
N GLY B 115 -8.44 -9.11 3.41
CA GLY B 115 -8.16 -8.02 2.50
C GLY B 115 -6.74 -8.05 2.05
N ASP B 116 -6.37 -6.99 1.36
CA ASP B 116 -5.18 -7.00 0.60
C ASP B 116 -3.97 -6.92 1.51
N GLU B 117 -4.11 -6.33 2.71
CA GLU B 117 -2.93 -6.21 3.59
C GLU B 117 -2.46 -7.58 4.07
N VAL B 118 -3.37 -8.51 4.22
CA VAL B 118 -2.98 -9.87 4.62
C VAL B 118 -2.18 -10.50 3.48
N ALA B 119 -2.71 -10.43 2.26
CA ALA B 119 -2.01 -10.96 1.10
C ALA B 119 -0.69 -10.27 0.90
N THR B 120 -0.66 -8.96 1.11
CA THR B 120 0.57 -8.24 0.93
C THR B 120 1.58 -8.71 1.98
N GLY B 121 1.18 -8.79 3.24
CA GLY B 121 2.16 -9.19 4.28
C GLY B 121 2.67 -10.62 4.06
N TYR B 122 1.78 -11.59 3.80
CA TYR B 122 2.19 -12.97 3.48
C TYR B 122 3.14 -13.01 2.32
N ALA B 123 2.84 -12.31 1.25
CA ALA B 123 3.71 -12.32 0.06
C ALA B 123 5.10 -11.85 0.40
N LEU B 124 5.18 -10.70 1.09
CA LEU B 124 6.44 -10.14 1.50
C LEU B 124 7.22 -10.96 2.55
N LEU B 125 6.52 -11.59 3.46
CA LEU B 125 7.18 -12.46 4.44
C LEU B 125 7.78 -13.73 3.81
N ARG B 126 7.03 -14.30 2.87
CA ARG B 126 7.46 -15.49 2.16
C ARG B 126 8.71 -15.17 1.37
N ALA B 127 8.73 -13.97 0.79
CA ALA B 127 9.83 -13.58 -0.06
C ALA B 127 11.10 -13.42 0.75
N LYS B 128 10.92 -12.93 1.97
CA LYS B 128 12.10 -12.63 2.83
C LYS B 128 12.63 -13.88 3.56
N TYR B 129 11.74 -14.70 4.06
CA TYR B 129 12.11 -15.83 4.94
C TYR B 129 11.88 -17.19 4.33
N HIS B 130 12.98 -17.89 4.07
CA HIS B 130 12.87 -19.22 3.49
C HIS B 130 12.08 -20.10 4.38
N GLN B 131 12.04 -19.81 5.69
CA GLN B 131 11.28 -20.66 6.59
C GLN B 131 9.77 -20.67 6.31
N TYR B 132 9.23 -19.56 5.78
CA TYR B 132 7.81 -19.45 5.58
C TYR B 132 7.39 -20.17 4.29
N GLU B 133 8.31 -20.81 3.60
CA GLU B 133 7.99 -21.81 2.53
C GLU B 133 7.52 -23.17 3.10
N ARG B 134 7.90 -23.45 4.38
CA ARG B 134 7.49 -24.67 5.11
C ARG B 134 6.54 -24.44 6.33
N VAL B 135 6.51 -23.20 6.83
CA VAL B 135 5.72 -22.83 7.95
C VAL B 135 4.60 -22.03 7.33
N SER B 136 3.38 -22.48 7.59
CA SER B 136 2.21 -21.90 6.98
C SER B 136 1.96 -20.45 7.45
N LEU B 137 1.57 -19.60 6.52
CA LEU B 137 1.16 -18.22 6.83
C LEU B 137 -0.37 -18.26 6.95
N ASP B 138 -0.89 -18.32 8.17
CA ASP B 138 -2.31 -18.66 8.38
C ASP B 138 -3.10 -17.83 9.43
N GLY B 139 -2.49 -16.76 9.91
CA GLY B 139 -3.12 -15.93 10.93
C GLY B 139 -3.15 -14.51 10.49
N PRO B 140 -3.60 -13.62 11.38
CA PRO B 140 -3.82 -12.25 10.97
C PRO B 140 -2.45 -11.56 10.76
N VAL B 141 -2.45 -10.51 9.95
CA VAL B 141 -1.24 -9.79 9.64
C VAL B 141 -1.33 -8.41 10.28
N ILE B 142 -0.30 -8.04 11.03
CA ILE B 142 -0.22 -6.67 11.59
C ILE B 142 0.53 -5.81 10.61
N SER B 143 -0.04 -4.71 10.17
CA SER B 143 0.69 -3.78 9.32
C SER B 143 0.92 -2.50 10.11
N VAL B 144 2.14 -2.00 10.07
CA VAL B 144 2.54 -0.77 10.77
C VAL B 144 2.90 0.28 9.74
N GLU B 145 2.28 1.44 9.86
CA GLU B 145 2.60 2.58 9.08
C GLU B 145 3.60 3.40 9.91
N VAL B 146 4.76 3.65 9.35
CA VAL B 146 5.89 4.24 10.17
C VAL B 146 5.78 5.74 10.12
N SER B 147 5.55 6.36 11.28
CA SER B 147 5.50 7.81 11.38
C SER B 147 6.87 8.46 11.56
N ARG B 148 7.83 7.75 12.16
CA ARG B 148 9.14 8.27 12.41
C ARG B 148 10.16 7.13 12.34
N TRP B 149 11.29 7.38 11.67
CA TRP B 149 12.46 6.49 11.76
C TRP B 149 13.51 7.19 12.64
N ALA B 150 14.23 6.44 13.43
CA ALA B 150 15.41 6.98 14.17
C ALA B 150 16.50 5.95 14.09
N SER B 151 17.74 6.40 14.19
CA SER B 151 18.85 5.49 14.09
C SER B 151 20.12 6.06 14.74
N TRP B 152 21.02 5.14 15.03
CA TRP B 152 22.29 5.48 15.69
C TRP B 152 23.33 4.50 15.31
N GLN B 153 24.60 4.96 15.14
CA GLN B 153 25.67 4.01 14.94
C GLN B 153 26.92 4.48 15.78
N ALA B 154 27.68 3.50 16.25
CA ALA B 154 28.86 3.76 17.10
C ALA B 154 29.86 4.58 16.28
N ASP C 17 -21.58 -26.96 -20.64
CA ASP C 17 -21.16 -26.63 -22.05
C ASP C 17 -19.88 -25.78 -22.05
N ALA C 18 -18.87 -26.47 -22.50
CA ALA C 18 -17.50 -26.01 -22.44
C ALA C 18 -17.30 -24.81 -23.34
N VAL C 19 -17.82 -24.89 -24.56
CA VAL C 19 -17.56 -23.85 -25.54
C VAL C 19 -18.18 -22.52 -25.08
N THR C 20 -19.42 -22.60 -24.57
CA THR C 20 -20.09 -21.39 -24.07
C THR C 20 -19.36 -20.82 -22.87
N ALA C 21 -18.92 -21.68 -21.97
CA ALA C 21 -18.19 -21.22 -20.80
C ALA C 21 -16.90 -20.50 -21.16
N PHE C 22 -16.14 -21.09 -22.10
CA PHE C 22 -14.92 -20.48 -22.64
C PHE C 22 -15.28 -19.12 -23.29
N ALA C 23 -16.28 -19.12 -24.15
CA ALA C 23 -16.61 -17.93 -24.92
C ALA C 23 -17.04 -16.76 -24.00
N ASP C 24 -17.72 -17.08 -22.91
CA ASP C 24 -18.25 -16.02 -22.03
C ASP C 24 -17.21 -15.49 -21.02
N ALA C 25 -16.08 -16.16 -20.89
CA ALA C 25 -15.07 -15.70 -19.96
C ALA C 25 -14.35 -14.50 -20.49
N PRO C 26 -13.87 -13.63 -19.60
CA PRO C 26 -13.24 -12.37 -20.05
C PRO C 26 -11.81 -12.49 -20.48
N ALA C 27 -11.09 -13.47 -19.93
CA ALA C 27 -9.69 -13.66 -20.31
C ALA C 27 -9.29 -15.12 -20.43
N ALA C 28 -8.26 -15.33 -21.23
CA ALA C 28 -7.68 -16.65 -21.48
C ALA C 28 -6.17 -16.54 -21.52
N VAL C 29 -5.47 -17.66 -21.39
CA VAL C 29 -4.06 -17.66 -21.62
C VAL C 29 -3.78 -18.27 -22.99
N LEU C 30 -2.97 -17.56 -23.78
CA LEU C 30 -2.51 -18.01 -25.07
C LEU C 30 -1.08 -18.56 -25.01
N SER C 31 -0.92 -19.77 -25.55
CA SER C 31 0.37 -20.40 -25.67
C SER C 31 0.74 -20.53 -27.14
N THR C 32 1.89 -19.95 -27.47
CA THR C 32 2.52 -20.02 -28.79
C THR C 32 3.90 -20.65 -28.58
N LEU C 33 4.58 -20.94 -29.70
CA LEU C 33 5.90 -21.48 -29.66
C LEU C 33 6.95 -20.47 -30.07
N ASN C 34 7.98 -20.33 -29.26
CA ASN C 34 9.09 -19.51 -29.68
C ASN C 34 9.82 -20.13 -30.89
N ALA C 35 10.73 -19.36 -31.46
CA ALA C 35 11.43 -19.77 -32.62
C ALA C 35 12.20 -21.06 -32.39
N ASP C 36 12.67 -21.25 -31.16
CA ASP C 36 13.37 -22.50 -30.74
C ASP C 36 12.46 -23.67 -30.36
N GLY C 37 11.14 -23.44 -30.46
CA GLY C 37 10.15 -24.45 -30.09
C GLY C 37 9.62 -24.41 -28.66
N ALA C 38 10.17 -23.56 -27.80
CA ALA C 38 9.77 -23.57 -26.40
C ALA C 38 8.43 -22.87 -26.24
N PRO C 39 7.71 -23.25 -25.23
CA PRO C 39 6.43 -22.59 -25.00
C PRO C 39 6.55 -21.15 -24.48
N HIS C 40 5.64 -20.36 -24.95
CA HIS C 40 5.50 -19.00 -24.51
C HIS C 40 4.04 -18.84 -24.07
N LEU C 41 3.83 -17.97 -23.09
CA LEU C 41 2.48 -17.74 -22.62
C LEU C 41 2.25 -16.26 -22.39
N VAL C 42 1.06 -15.79 -22.73
CA VAL C 42 0.63 -14.44 -22.34
C VAL C 42 -0.87 -14.47 -22.15
N PRO C 43 -1.43 -13.61 -21.31
CA PRO C 43 -2.88 -13.53 -21.26
C PRO C 43 -3.44 -12.69 -22.39
N VAL C 44 -4.68 -12.99 -22.79
CA VAL C 44 -5.38 -12.28 -23.84
C VAL C 44 -6.84 -12.02 -23.44
N VAL C 45 -7.41 -10.97 -24.02
CA VAL C 45 -8.88 -10.95 -24.15
C VAL C 45 -9.19 -11.46 -25.53
N PHE C 46 -10.44 -11.88 -25.78
CA PHE C 46 -10.74 -12.59 -26.99
C PHE C 46 -12.25 -12.71 -27.21
N ALA C 47 -12.60 -13.01 -28.44
CA ALA C 47 -13.95 -13.27 -28.85
C ALA C 47 -14.04 -14.53 -29.69
N VAL C 48 -15.05 -15.33 -29.44
CA VAL C 48 -15.27 -16.62 -30.14
C VAL C 48 -16.46 -16.54 -31.13
N HIS C 49 -16.26 -16.98 -32.36
CA HIS C 49 -17.36 -17.17 -33.22
C HIS C 49 -17.57 -18.66 -33.42
N VAL C 50 -18.75 -19.11 -33.03
CA VAL C 50 -19.16 -20.54 -33.24
C VAL C 50 -19.93 -20.60 -34.54
N PRO C 51 -19.37 -21.11 -35.66
CA PRO C 51 -20.27 -20.95 -36.83
C PRO C 51 -21.44 -21.92 -36.74
N HIS C 52 -22.49 -21.62 -37.45
CA HIS C 52 -23.64 -22.45 -37.38
C HIS C 52 -23.62 -23.25 -38.66
N VAL C 53 -22.50 -23.93 -38.90
CA VAL C 53 -22.33 -24.66 -40.14
C VAL C 53 -21.60 -25.91 -39.80
N GLU C 54 -22.19 -27.05 -40.15
CA GLU C 54 -21.60 -28.31 -39.77
C GLU C 54 -20.15 -28.48 -40.29
N GLY C 55 -19.22 -28.91 -39.44
CA GLY C 55 -17.84 -29.12 -39.84
C GLY C 55 -16.89 -27.92 -39.73
N GLN C 56 -17.45 -26.73 -39.57
CA GLN C 56 -16.61 -25.54 -39.39
C GLN C 56 -16.05 -25.42 -37.99
N PRO C 57 -14.76 -25.16 -37.89
CA PRO C 57 -14.18 -24.97 -36.54
C PRO C 57 -14.62 -23.65 -35.92
N ALA C 58 -14.78 -23.63 -34.60
CA ALA C 58 -14.86 -22.35 -33.90
C ALA C 58 -13.62 -21.48 -34.26
N ARG C 59 -13.83 -20.17 -34.27
CA ARG C 59 -12.77 -19.18 -34.52
C ARG C 59 -12.65 -18.31 -33.27
N ILE C 60 -11.41 -18.02 -32.85
CA ILE C 60 -11.14 -17.17 -31.72
C ILE C 60 -10.29 -16.04 -32.26
N TYR C 61 -10.73 -14.80 -31.96
CA TYR C 61 -10.04 -13.61 -32.35
C TYR C 61 -9.46 -12.86 -31.15
N THR C 62 -8.24 -12.33 -31.28
CA THR C 62 -7.65 -11.45 -30.32
C THR C 62 -6.84 -10.40 -31.06
N ALA C 63 -6.78 -9.18 -30.52
CA ALA C 63 -6.11 -8.07 -31.21
C ALA C 63 -4.83 -7.67 -30.50
N VAL C 64 -3.84 -7.25 -31.27
CA VAL C 64 -2.60 -6.78 -30.66
C VAL C 64 -2.63 -5.26 -30.65
N ASP C 65 -2.60 -4.70 -29.45
CA ASP C 65 -2.57 -3.23 -29.29
C ASP C 65 -1.33 -2.63 -29.98
N ALA C 66 -1.50 -1.77 -30.98
CA ALA C 66 -0.31 -1.32 -31.70
C ALA C 66 -0.02 0.17 -31.61
N LYS C 67 0.87 0.54 -30.70
CA LYS C 67 1.42 1.88 -30.68
C LYS C 67 2.31 2.13 -31.91
N ARG C 68 3.13 1.13 -32.23
CA ARG C 68 4.07 1.25 -33.34
C ARG C 68 4.60 -0.09 -33.86
N LYS C 69 5.17 -0.05 -35.07
CA LYS C 69 5.93 -1.14 -35.66
C LYS C 69 7.29 -1.35 -34.97
N THR C 70 7.24 -1.95 -33.79
CA THR C 70 8.44 -2.23 -33.00
C THR C 70 9.09 -3.50 -33.53
N THR C 71 10.42 -3.56 -33.52
CA THR C 71 11.08 -4.75 -34.05
C THR C 71 10.85 -5.96 -33.15
N ARG C 72 10.90 -5.75 -31.84
CA ARG C 72 10.71 -6.82 -30.88
C ARG C 72 9.33 -7.46 -30.97
N ASN C 73 8.31 -6.62 -31.17
CA ASN C 73 6.94 -7.11 -31.25
C ASN C 73 6.71 -8.05 -32.41
N LEU C 74 7.30 -7.73 -33.56
CA LEU C 74 7.15 -8.53 -34.76
C LEU C 74 7.69 -9.94 -34.57
N ARG C 75 8.83 -10.04 -33.89
CA ARG C 75 9.47 -11.33 -33.64
C ARG C 75 8.59 -12.23 -32.79
N ARG C 76 8.00 -11.64 -31.74
CA ARG C 76 7.06 -12.33 -30.86
C ARG C 76 5.78 -12.76 -31.59
N LEU C 77 5.25 -11.87 -32.41
CA LEU C 77 4.09 -12.22 -33.31
C LEU C 77 4.58 -13.03 -34.52
N ALA C 78 5.84 -12.80 -34.85
CA ALA C 78 6.46 -13.63 -35.86
C ALA C 78 6.55 -15.13 -35.35
N ASN C 79 6.40 -15.39 -34.05
CA ASN C 79 6.28 -16.77 -33.52
C ASN C 79 5.20 -17.46 -34.33
N ILE C 80 4.03 -16.83 -34.39
CA ILE C 80 2.86 -17.43 -35.01
C ILE C 80 3.14 -17.58 -36.53
N ASP C 81 3.85 -16.64 -37.13
CA ASP C 81 4.16 -16.71 -38.54
C ASP C 81 5.14 -17.81 -38.86
N ARG C 82 5.92 -18.24 -37.87
CA ARG C 82 6.82 -19.36 -38.03
C ARG C 82 6.17 -20.71 -37.73
N ASP C 83 5.49 -20.79 -36.59
CA ASP C 83 4.73 -21.97 -36.22
C ASP C 83 3.34 -21.46 -35.88
N SER C 84 2.32 -22.08 -36.46
CA SER C 84 1.00 -21.65 -36.21
C SER C 84 0.30 -22.33 -35.04
N ARG C 85 0.93 -23.36 -34.45
CA ARG C 85 0.24 -24.15 -33.45
C ARG C 85 0.14 -23.48 -32.11
N VAL C 86 -1.09 -23.36 -31.59
CA VAL C 86 -1.35 -22.63 -30.36
C VAL C 86 -2.35 -23.38 -29.49
N SER C 87 -2.43 -22.93 -28.25
CA SER C 87 -3.42 -23.45 -27.33
C SER C 87 -3.89 -22.25 -26.51
N LEU C 88 -5.17 -22.25 -26.13
CA LEU C 88 -5.74 -21.24 -25.26
C LEU C 88 -6.52 -21.92 -24.12
N LEU C 89 -6.33 -21.43 -22.92
CA LEU C 89 -7.03 -21.99 -21.81
C LEU C 89 -7.80 -20.89 -21.06
N VAL C 90 -9.00 -21.23 -20.66
CA VAL C 90 -9.81 -20.47 -19.69
C VAL C 90 -9.89 -21.37 -18.42
N ASP C 91 -9.45 -20.82 -17.31
CA ASP C 91 -9.42 -21.52 -16.02
C ASP C 91 -10.38 -20.81 -15.12
N HIS C 92 -11.15 -21.55 -14.34
CA HIS C 92 -12.04 -20.95 -13.35
C HIS C 92 -11.53 -21.50 -11.99
N TYR C 93 -10.67 -20.73 -11.35
CA TYR C 93 -10.07 -21.09 -10.07
C TYR C 93 -10.94 -20.52 -8.95
N SER C 94 -11.07 -21.27 -7.85
CA SER C 94 -11.73 -20.81 -6.64
C SER C 94 -10.95 -21.42 -5.48
N ASP C 95 -10.87 -20.71 -4.35
CA ASP C 95 -10.41 -21.31 -3.10
C ASP C 95 -11.15 -22.61 -2.81
N ASP C 96 -12.39 -22.66 -3.24
CA ASP C 96 -13.13 -23.91 -3.08
C ASP C 96 -12.84 -24.91 -4.19
N TRP C 97 -12.03 -25.90 -3.91
CA TRP C 97 -11.60 -26.81 -4.99
C TRP C 97 -12.70 -27.69 -5.57
N THR C 98 -13.91 -27.66 -5.01
CA THR C 98 -14.96 -28.49 -5.56
C THR C 98 -15.70 -27.82 -6.71
N GLN C 99 -15.40 -26.55 -6.96
CA GLN C 99 -16.03 -25.89 -8.09
C GLN C 99 -15.06 -25.38 -9.16
N LEU C 100 -13.91 -26.04 -9.23
CA LEU C 100 -12.91 -25.74 -10.29
C LEU C 100 -13.40 -26.28 -11.59
N TRP C 101 -12.99 -25.57 -12.66
CA TRP C 101 -13.20 -26.07 -14.00
C TRP C 101 -12.28 -25.33 -14.96
N TRP C 102 -12.03 -25.96 -16.09
CA TRP C 102 -11.27 -25.31 -17.14
C TRP C 102 -11.71 -25.80 -18.49
N VAL C 103 -11.49 -24.96 -19.50
CA VAL C 103 -11.70 -25.32 -20.88
C VAL C 103 -10.47 -24.86 -21.74
N ARG C 104 -10.00 -25.77 -22.59
CA ARG C 104 -8.85 -25.52 -23.46
C ARG C 104 -9.15 -25.73 -24.94
N ALA C 105 -8.70 -24.79 -25.77
CA ALA C 105 -8.88 -24.84 -27.21
C ALA C 105 -7.48 -24.95 -27.84
N ASP C 106 -7.24 -26.05 -28.56
CA ASP C 106 -6.02 -26.24 -29.32
C ASP C 106 -6.31 -25.94 -30.78
N GLY C 107 -5.43 -25.22 -31.46
CA GLY C 107 -5.65 -24.94 -32.85
C GLY C 107 -4.50 -24.27 -33.56
N VAL C 108 -4.87 -23.61 -34.66
CA VAL C 108 -3.95 -23.06 -35.62
C VAL C 108 -4.24 -21.56 -35.72
N ALA C 109 -3.27 -20.74 -35.40
CA ALA C 109 -3.40 -19.28 -35.43
C ALA C 109 -2.78 -18.62 -36.69
N THR C 110 -3.43 -17.56 -37.18
CA THR C 110 -2.91 -16.82 -38.34
C THR C 110 -2.92 -15.30 -37.96
N THR C 111 -1.88 -14.57 -38.28
CA THR C 111 -1.89 -13.14 -38.03
C THR C 111 -2.44 -12.42 -39.24
N HIS C 112 -3.12 -11.32 -38.98
CA HIS C 112 -3.67 -10.51 -40.07
C HIS C 112 -3.35 -9.04 -39.81
N HIS C 113 -2.68 -8.44 -40.79
CA HIS C 113 -2.27 -7.06 -40.71
C HIS C 113 -3.24 -6.12 -41.42
N SER C 114 -4.22 -6.65 -42.11
CA SER C 114 -5.21 -5.84 -42.77
C SER C 114 -6.18 -6.82 -43.38
N GLY C 115 -7.29 -6.34 -43.89
CA GLY C 115 -8.22 -7.20 -44.59
C GLY C 115 -9.40 -7.66 -43.75
N ASP C 116 -10.09 -8.67 -44.27
CA ASP C 116 -11.34 -9.07 -43.73
C ASP C 116 -11.31 -9.65 -42.34
N GLU C 117 -10.28 -10.42 -42.00
CA GLU C 117 -10.23 -10.97 -40.66
C GLU C 117 -9.99 -9.91 -39.60
N VAL C 118 -9.30 -8.83 -39.95
CA VAL C 118 -9.06 -7.71 -39.04
C VAL C 118 -10.42 -7.10 -38.69
N ALA C 119 -11.23 -6.79 -39.71
CA ALA C 119 -12.59 -6.25 -39.46
C ALA C 119 -13.46 -7.19 -38.65
N THR C 120 -13.43 -8.49 -38.93
CA THR C 120 -14.28 -9.41 -38.21
C THR C 120 -13.84 -9.49 -36.74
N GLY C 121 -12.54 -9.59 -36.51
CA GLY C 121 -12.04 -9.65 -35.14
C GLY C 121 -12.37 -8.38 -34.34
N TYR C 122 -12.13 -7.23 -34.97
CA TYR C 122 -12.48 -5.94 -34.31
C TYR C 122 -13.94 -5.97 -33.93
N ALA C 123 -14.82 -6.42 -34.84
CA ALA C 123 -16.26 -6.37 -34.61
C ALA C 123 -16.70 -7.25 -33.47
N LEU C 124 -16.17 -8.48 -33.42
CA LEU C 124 -16.49 -9.38 -32.32
C LEU C 124 -15.95 -8.90 -30.97
N LEU C 125 -14.76 -8.29 -30.98
CA LEU C 125 -14.13 -7.83 -29.76
C LEU C 125 -14.96 -6.63 -29.19
N ARG C 126 -15.36 -5.73 -30.07
CA ARG C 126 -16.25 -4.59 -29.65
C ARG C 126 -17.56 -5.02 -29.07
N ALA C 127 -18.15 -6.05 -29.64
CA ALA C 127 -19.44 -6.55 -29.21
C ALA C 127 -19.33 -7.16 -27.79
N LYS C 128 -18.19 -7.81 -27.49
CA LYS C 128 -18.00 -8.43 -26.19
C LYS C 128 -17.53 -7.51 -25.07
N TYR C 129 -16.59 -6.59 -25.36
CA TYR C 129 -15.88 -5.86 -24.36
C TYR C 129 -16.23 -4.36 -24.53
N HIS C 130 -17.01 -3.88 -23.56
CA HIS C 130 -17.48 -2.46 -23.52
C HIS C 130 -16.32 -1.50 -23.60
N GLN C 131 -15.19 -1.91 -23.03
CA GLN C 131 -13.98 -1.17 -23.14
C GLN C 131 -13.54 -0.74 -24.56
N TYR C 132 -13.75 -1.57 -25.56
CA TYR C 132 -13.40 -1.13 -26.92
C TYR C 132 -14.23 0.08 -27.49
N GLU C 133 -15.30 0.50 -26.82
CA GLU C 133 -15.91 1.80 -27.12
C GLU C 133 -14.85 2.94 -27.03
N ARG C 134 -13.95 2.90 -26.05
CA ARG C 134 -13.01 4.00 -25.91
C ARG C 134 -11.56 3.69 -26.31
N VAL C 135 -11.27 2.45 -26.62
CA VAL C 135 -9.87 2.08 -26.90
C VAL C 135 -9.86 1.74 -28.37
N SER C 136 -9.04 2.43 -29.16
CA SER C 136 -9.03 2.19 -30.59
C SER C 136 -8.42 0.79 -30.86
N LEU C 137 -8.82 0.23 -31.96
CA LEU C 137 -8.29 -1.07 -32.37
C LEU C 137 -7.53 -0.73 -33.64
N ASP C 138 -6.20 -0.67 -33.60
CA ASP C 138 -5.42 -0.31 -34.77
C ASP C 138 -4.24 -1.27 -34.97
N GLY C 139 -4.19 -2.39 -34.25
CA GLY C 139 -3.12 -3.38 -34.44
C GLY C 139 -3.63 -4.63 -35.16
N PRO C 140 -2.69 -5.54 -35.45
CA PRO C 140 -3.05 -6.80 -36.08
C PRO C 140 -3.97 -7.64 -35.24
N VAL C 141 -4.67 -8.54 -35.92
CA VAL C 141 -5.56 -9.45 -35.29
C VAL C 141 -5.06 -10.86 -35.50
N ILE C 142 -5.14 -11.67 -34.44
CA ILE C 142 -4.83 -13.07 -34.57
C ILE C 142 -6.14 -13.81 -34.64
N SER C 143 -6.34 -14.67 -35.64
CA SER C 143 -7.47 -15.58 -35.61
C SER C 143 -7.00 -16.99 -35.40
N VAL C 144 -7.72 -17.74 -34.58
CA VAL C 144 -7.43 -19.15 -34.29
C VAL C 144 -8.59 -20.00 -34.74
N GLU C 145 -8.31 -21.02 -35.55
CA GLU C 145 -9.29 -22.05 -35.80
C GLU C 145 -9.03 -23.22 -34.86
N VAL C 146 -10.08 -23.67 -34.17
CA VAL C 146 -9.96 -24.63 -33.04
C VAL C 146 -10.07 -26.07 -33.57
N SER C 147 -9.02 -26.85 -33.39
CA SER C 147 -9.08 -28.23 -33.90
C SER C 147 -9.58 -29.16 -32.88
N ARG C 148 -9.38 -28.80 -31.61
CA ARG C 148 -9.77 -29.66 -30.50
C ARG C 148 -10.16 -28.81 -29.31
N TRP C 149 -11.28 -29.16 -28.69
CA TRP C 149 -11.68 -28.64 -27.38
C TRP C 149 -11.48 -29.72 -26.30
N ALA C 150 -11.04 -29.33 -25.13
CA ALA C 150 -10.92 -30.22 -23.97
C ALA C 150 -11.50 -29.45 -22.78
N SER C 151 -12.00 -30.18 -21.80
CA SER C 151 -12.51 -29.55 -20.58
C SER C 151 -12.51 -30.49 -19.44
N TRP C 152 -12.59 -29.93 -18.26
CA TRP C 152 -12.58 -30.70 -16.99
C TRP C 152 -13.34 -29.91 -15.96
N GLN C 153 -14.17 -30.59 -15.15
CA GLN C 153 -14.82 -29.89 -14.04
C GLN C 153 -14.74 -30.74 -12.81
N ALA C 154 -14.51 -30.09 -11.69
CA ALA C 154 -14.41 -30.80 -10.42
C ALA C 154 -15.75 -31.44 -10.09
N ASP D 17 -16.05 21.66 17.90
CA ASP D 17 -15.58 20.29 17.49
C ASP D 17 -15.38 20.32 15.97
N ALA D 18 -14.14 20.58 15.58
CA ALA D 18 -13.78 20.80 14.17
C ALA D 18 -14.01 19.51 13.38
N VAL D 19 -13.57 18.38 13.92
CA VAL D 19 -13.66 17.10 13.27
C VAL D 19 -15.08 16.72 13.00
N THR D 20 -15.97 16.83 14.00
CA THR D 20 -17.38 16.51 13.79
C THR D 20 -18.05 17.45 12.75
N ALA D 21 -17.69 18.73 12.80
CA ALA D 21 -18.24 19.76 11.90
C ALA D 21 -17.85 19.38 10.44
N PHE D 22 -16.61 19.01 10.27
CA PHE D 22 -16.11 18.60 8.96
C PHE D 22 -16.88 17.35 8.53
N ALA D 23 -16.91 16.31 9.37
CA ALA D 23 -17.59 15.11 9.06
C ALA D 23 -19.05 15.31 8.67
N ASP D 24 -19.74 16.25 9.30
CA ASP D 24 -21.19 16.36 9.08
C ASP D 24 -21.51 17.16 7.82
N ALA D 25 -20.52 17.89 7.28
CA ALA D 25 -20.75 18.80 6.15
C ALA D 25 -20.98 18.02 4.90
N PRO D 26 -21.80 18.58 3.98
CA PRO D 26 -22.15 17.76 2.83
C PRO D 26 -21.05 17.71 1.77
N ALA D 27 -20.24 18.76 1.67
CA ALA D 27 -19.23 18.79 0.62
C ALA D 27 -17.95 19.43 1.03
N ALA D 28 -16.90 19.00 0.37
CA ALA D 28 -15.54 19.46 0.64
C ALA D 28 -14.86 19.74 -0.68
N VAL D 29 -13.76 20.46 -0.66
CA VAL D 29 -12.86 20.59 -1.82
C VAL D 29 -11.59 19.79 -1.55
N LEU D 30 -11.22 19.01 -2.54
CA LEU D 30 -10.02 18.18 -2.51
C LEU D 30 -8.92 18.79 -3.37
N SER D 31 -7.74 18.91 -2.77
CA SER D 31 -6.55 19.37 -3.46
C SER D 31 -5.48 18.28 -3.57
N THR D 32 -5.03 18.07 -4.80
CA THR D 32 -3.98 17.12 -5.16
C THR D 32 -2.98 17.89 -5.99
N LEU D 33 -1.86 17.26 -6.29
CA LEU D 33 -0.79 17.89 -7.06
C LEU D 33 -0.77 17.29 -8.43
N ASN D 34 -0.83 18.16 -9.44
CA ASN D 34 -0.52 17.75 -10.79
C ASN D 34 0.95 17.27 -11.00
N ALA D 35 1.20 16.72 -12.18
CA ALA D 35 2.50 16.11 -12.45
C ALA D 35 3.58 17.17 -12.33
N ASP D 36 3.28 18.38 -12.79
CA ASP D 36 4.18 19.47 -12.65
C ASP D 36 4.29 20.16 -11.32
N GLY D 37 3.60 19.66 -10.31
CA GLY D 37 3.63 20.20 -9.00
C GLY D 37 2.51 21.17 -8.62
N ALA D 38 1.78 21.65 -9.59
CA ALA D 38 0.77 22.65 -9.39
C ALA D 38 -0.49 22.11 -8.72
N PRO D 39 -1.18 22.97 -7.98
CA PRO D 39 -2.37 22.46 -7.30
C PRO D 39 -3.53 22.17 -8.23
N HIS D 40 -4.23 21.10 -7.91
CA HIS D 40 -5.47 20.72 -8.64
C HIS D 40 -6.61 20.69 -7.60
N LEU D 41 -7.81 21.14 -7.99
CA LEU D 41 -8.95 21.21 -7.08
C LEU D 41 -10.16 20.59 -7.71
N VAL D 42 -10.91 19.76 -6.96
CA VAL D 42 -12.22 19.22 -7.41
C VAL D 42 -13.07 19.11 -6.13
N PRO D 43 -14.40 19.41 -6.24
CA PRO D 43 -15.29 19.18 -5.11
C PRO D 43 -15.61 17.70 -4.88
N VAL D 44 -15.90 17.30 -3.63
CA VAL D 44 -16.19 15.91 -3.33
C VAL D 44 -17.29 15.87 -2.28
N VAL D 45 -18.12 14.80 -2.35
CA VAL D 45 -18.87 14.36 -1.18
C VAL D 45 -17.97 13.29 -0.50
N PHE D 46 -18.16 13.05 0.78
CA PHE D 46 -17.16 12.28 1.52
C PHE D 46 -17.78 11.73 2.81
N ALA D 47 -17.10 10.81 3.43
CA ALA D 47 -17.53 10.32 4.74
C ALA D 47 -16.25 10.17 5.60
N VAL D 48 -16.32 10.58 6.86
CA VAL D 48 -15.17 10.52 7.76
C VAL D 48 -15.40 9.31 8.69
N HIS D 49 -14.42 8.45 8.87
CA HIS D 49 -14.49 7.48 9.98
C HIS D 49 -13.44 7.87 11.02
N VAL D 50 -13.84 8.25 12.24
CA VAL D 50 -12.77 8.39 13.27
C VAL D 50 -12.61 7.07 14.01
N PRO D 51 -11.46 6.36 13.88
CA PRO D 51 -11.48 5.10 14.68
C PRO D 51 -11.50 5.39 16.17
N HIS D 52 -12.07 4.48 16.87
CA HIS D 52 -12.24 4.47 18.28
C HIS D 52 -11.00 3.75 18.81
N VAL D 53 -9.81 4.21 18.39
CA VAL D 53 -8.57 3.46 18.67
C VAL D 53 -7.51 4.53 18.84
N GLU D 54 -6.85 4.56 20.00
CA GLU D 54 -5.91 5.60 20.25
C GLU D 54 -4.78 5.59 19.18
N GLY D 55 -4.35 6.77 18.72
CA GLY D 55 -3.30 6.98 17.74
C GLY D 55 -3.68 6.75 16.25
N GLN D 56 -4.84 6.17 15.97
CA GLN D 56 -5.27 5.97 14.57
C GLN D 56 -5.70 7.31 13.98
N PRO D 57 -5.18 7.68 12.82
CA PRO D 57 -5.69 8.86 12.12
C PRO D 57 -7.14 8.68 11.69
N ALA D 58 -7.82 9.81 11.67
CA ALA D 58 -9.10 9.85 11.00
C ALA D 58 -8.92 9.45 9.54
N ARG D 59 -9.96 8.84 8.95
CA ARG D 59 -9.92 8.44 7.57
C ARG D 59 -11.08 9.06 6.81
N ILE D 60 -10.80 9.66 5.69
CA ILE D 60 -11.83 10.29 4.83
C ILE D 60 -11.92 9.47 3.57
N TYR D 61 -13.17 9.13 3.15
CA TYR D 61 -13.43 8.36 1.99
C TYR D 61 -14.26 9.18 0.97
N THR D 62 -13.89 9.07 -0.29
CA THR D 62 -14.69 9.60 -1.38
C THR D 62 -14.60 8.72 -2.56
N ALA D 63 -15.64 8.68 -3.38
CA ALA D 63 -15.66 7.76 -4.51
C ALA D 63 -15.79 8.44 -5.86
N VAL D 64 -15.46 7.69 -6.93
CA VAL D 64 -15.80 8.01 -8.29
C VAL D 64 -17.20 7.45 -8.49
N ASP D 65 -18.18 8.37 -8.55
CA ASP D 65 -19.60 7.99 -8.49
C ASP D 65 -20.29 8.22 -9.82
N ALA D 66 -21.62 8.21 -9.82
CA ALA D 66 -22.39 8.30 -11.07
C ALA D 66 -22.69 9.73 -11.52
N LYS D 67 -22.15 10.73 -10.86
CA LYS D 67 -22.28 12.09 -11.38
C LYS D 67 -21.59 12.18 -12.72
N ARG D 68 -22.13 13.00 -13.62
CA ARG D 68 -21.77 12.88 -15.01
C ARG D 68 -20.27 13.05 -15.18
N LYS D 69 -19.69 12.14 -15.96
CA LYS D 69 -18.25 12.18 -16.25
C LYS D 69 -17.97 11.47 -17.55
N THR D 70 -16.85 11.81 -18.15
CA THR D 70 -16.43 11.14 -19.42
C THR D 70 -15.57 9.91 -19.21
N THR D 71 -14.96 9.80 -18.04
CA THR D 71 -14.06 8.68 -17.78
C THR D 71 -14.04 8.39 -16.29
N ARG D 72 -13.71 7.17 -15.88
CA ARG D 72 -13.48 6.91 -14.44
C ARG D 72 -12.04 7.25 -14.05
N ASN D 73 -11.19 7.44 -15.05
CA ASN D 73 -9.74 7.67 -14.82
C ASN D 73 -9.50 9.22 -14.69
N LEU D 74 -10.05 9.71 -13.61
CA LEU D 74 -10.03 11.13 -13.35
C LEU D 74 -8.67 11.63 -12.95
N ARG D 75 -8.41 12.91 -13.21
CA ARG D 75 -7.09 13.48 -13.02
C ARG D 75 -6.67 13.36 -11.56
N ARG D 76 -7.60 13.53 -10.64
CA ARG D 76 -7.20 13.51 -9.22
C ARG D 76 -6.64 12.13 -8.80
N LEU D 77 -7.03 11.07 -9.49
CA LEU D 77 -6.56 9.68 -9.14
C LEU D 77 -5.11 9.52 -9.59
N ALA D 78 -4.84 9.92 -10.82
CA ALA D 78 -3.47 9.94 -11.38
C ALA D 78 -2.55 10.79 -10.51
N ASN D 79 -3.07 11.92 -10.06
CA ASN D 79 -2.25 12.75 -9.18
C ASN D 79 -1.88 12.03 -7.89
N ILE D 80 -2.87 11.43 -7.24
CA ILE D 80 -2.69 10.75 -5.95
C ILE D 80 -1.72 9.58 -6.07
N ASP D 81 -1.81 8.88 -7.18
CA ASP D 81 -0.93 7.74 -7.44
C ASP D 81 0.50 8.16 -7.63
N ARG D 82 0.70 9.34 -8.21
CA ARG D 82 1.99 10.04 -8.30
C ARG D 82 2.58 10.63 -7.01
N ASP D 83 1.72 11.33 -6.27
CA ASP D 83 2.11 12.01 -5.04
C ASP D 83 0.92 12.00 -4.09
N SER D 84 1.06 11.27 -3.00
CA SER D 84 -0.05 11.02 -2.10
C SER D 84 -0.52 12.18 -1.24
N ARG D 85 0.17 13.30 -1.27
CA ARG D 85 -0.11 14.39 -0.37
C ARG D 85 -1.29 15.22 -0.84
N VAL D 86 -2.27 15.33 0.04
CA VAL D 86 -3.52 16.03 -0.27
C VAL D 86 -3.95 16.93 0.84
N SER D 87 -4.92 17.80 0.54
CA SER D 87 -5.60 18.54 1.54
C SER D 87 -7.09 18.58 1.14
N LEU D 88 -7.97 18.66 2.12
CA LEU D 88 -9.35 18.80 1.92
C LEU D 88 -9.92 19.86 2.86
N LEU D 89 -10.82 20.68 2.34
CA LEU D 89 -11.37 21.78 3.09
C LEU D 89 -12.83 21.72 3.09
N VAL D 90 -13.41 21.88 4.28
CA VAL D 90 -14.81 22.20 4.46
C VAL D 90 -14.94 23.66 4.86
N ASP D 91 -15.72 24.40 4.06
CA ASP D 91 -16.04 25.76 4.41
C ASP D 91 -17.49 25.90 4.71
N HIS D 92 -17.76 26.66 5.74
CA HIS D 92 -19.10 27.02 6.01
C HIS D 92 -19.30 28.48 5.78
N TYR D 93 -19.91 28.81 4.64
CA TYR D 93 -20.06 30.21 4.24
C TYR D 93 -21.45 30.71 4.64
N SER D 94 -21.52 32.00 4.94
CA SER D 94 -22.77 32.69 5.10
C SER D 94 -22.67 34.14 4.75
N ASP D 95 -23.78 34.73 4.26
CA ASP D 95 -23.87 36.18 4.06
C ASP D 95 -23.65 36.91 5.37
N ASP D 96 -24.00 36.24 6.47
CA ASP D 96 -23.69 36.81 7.78
C ASP D 96 -22.30 36.32 8.08
N TRP D 97 -21.34 37.24 8.11
CA TRP D 97 -19.96 36.87 8.28
C TRP D 97 -19.60 36.46 9.71
N THR D 98 -20.58 36.62 10.63
CA THR D 98 -20.39 36.08 11.97
C THR D 98 -20.54 34.59 12.02
N GLN D 99 -21.17 33.99 11.01
CA GLN D 99 -21.46 32.56 11.01
C GLN D 99 -20.37 31.77 10.20
N LEU D 100 -19.27 32.41 9.83
CA LEU D 100 -18.24 31.71 8.97
C LEU D 100 -17.40 30.76 9.83
N TRP D 101 -17.11 29.56 9.30
CA TRP D 101 -16.04 28.74 9.89
C TRP D 101 -15.51 27.83 8.78
N TRP D 102 -14.35 27.26 9.02
CA TRP D 102 -13.81 26.26 8.10
C TRP D 102 -12.96 25.27 8.85
N VAL D 103 -12.83 24.08 8.27
CA VAL D 103 -11.96 23.04 8.83
C VAL D 103 -11.17 22.45 7.66
N ARG D 104 -9.86 22.30 7.85
CA ARG D 104 -9.00 21.70 6.83
C ARG D 104 -8.27 20.45 7.34
N ALA D 105 -8.31 19.38 6.56
CA ALA D 105 -7.63 18.14 6.84
C ALA D 105 -6.50 17.99 5.81
N ASP D 106 -5.27 17.84 6.27
CA ASP D 106 -4.11 17.56 5.40
C ASP D 106 -3.73 16.12 5.65
N GLY D 107 -3.31 15.40 4.61
CA GLY D 107 -3.05 14.01 4.76
C GLY D 107 -2.50 13.29 3.60
N VAL D 108 -2.59 11.97 3.69
CA VAL D 108 -1.99 11.05 2.71
C VAL D 108 -3.09 10.24 2.10
N ALA D 109 -3.30 10.38 0.78
CA ALA D 109 -4.34 9.67 0.04
C ALA D 109 -3.84 8.42 -0.68
N THR D 110 -4.72 7.42 -0.78
CA THR D 110 -4.44 6.18 -1.50
C THR D 110 -5.67 5.90 -2.35
N THR D 111 -5.48 5.54 -3.61
CA THR D 111 -6.59 5.15 -4.49
C THR D 111 -6.80 3.65 -4.34
N HIS D 112 -8.05 3.21 -4.46
CA HIS D 112 -8.36 1.79 -4.37
C HIS D 112 -9.25 1.42 -5.54
N HIS D 113 -8.78 0.48 -6.36
CA HIS D 113 -9.57 -0.05 -7.45
C HIS D 113 -10.22 -1.39 -7.17
N SER D 114 -9.91 -1.96 -6.03
CA SER D 114 -10.48 -3.21 -5.63
C SER D 114 -10.19 -3.35 -4.16
N GLY D 115 -10.91 -4.26 -3.51
CA GLY D 115 -10.55 -4.67 -2.17
C GLY D 115 -11.40 -4.02 -1.08
N ASP D 116 -10.98 -4.23 0.16
CA ASP D 116 -11.73 -3.87 1.35
C ASP D 116 -12.02 -2.40 1.46
N GLU D 117 -11.08 -1.57 1.05
CA GLU D 117 -11.31 -0.12 1.21
C GLU D 117 -12.43 0.39 0.28
N VAL D 118 -12.68 -0.32 -0.82
CA VAL D 118 -13.73 0.07 -1.77
C VAL D 118 -15.05 -0.08 -1.07
N ALA D 119 -15.31 -1.27 -0.57
CA ALA D 119 -16.54 -1.56 0.17
C ALA D 119 -16.68 -0.74 1.41
N THR D 120 -15.61 -0.53 2.19
CA THR D 120 -15.69 0.36 3.31
C THR D 120 -16.13 1.79 2.91
N GLY D 121 -15.52 2.34 1.91
CA GLY D 121 -15.89 3.68 1.43
C GLY D 121 -17.33 3.73 0.95
N TYR D 122 -17.75 2.80 0.10
CA TYR D 122 -19.16 2.81 -0.38
C TYR D 122 -20.13 2.74 0.80
N ALA D 123 -19.83 1.87 1.76
CA ALA D 123 -20.70 1.79 2.92
C ALA D 123 -20.81 3.05 3.75
N LEU D 124 -19.68 3.73 4.00
CA LEU D 124 -19.70 4.93 4.76
C LEU D 124 -20.38 6.05 4.00
N LEU D 125 -20.20 6.07 2.71
CA LEU D 125 -20.84 7.13 1.86
C LEU D 125 -22.39 7.01 1.90
N ARG D 126 -22.87 5.78 1.73
CA ARG D 126 -24.29 5.49 1.78
C ARG D 126 -24.88 5.82 3.15
N ALA D 127 -24.16 5.49 4.22
CA ALA D 127 -24.65 5.82 5.54
C ALA D 127 -24.87 7.33 5.70
N LYS D 128 -24.04 8.17 5.06
CA LYS D 128 -24.19 9.61 5.23
C LYS D 128 -25.19 10.28 4.25
N TYR D 129 -25.20 9.85 3.00
CA TYR D 129 -25.96 10.51 1.90
C TYR D 129 -27.10 9.64 1.47
N HIS D 130 -28.31 10.07 1.82
CA HIS D 130 -29.52 9.36 1.31
C HIS D 130 -29.52 9.28 -0.19
N GLN D 131 -28.95 10.33 -0.81
CA GLN D 131 -28.85 10.35 -2.28
C GLN D 131 -28.20 9.14 -2.95
N TYR D 132 -27.36 8.42 -2.22
CA TYR D 132 -26.62 7.29 -2.74
C TYR D 132 -27.39 5.99 -2.55
N GLU D 133 -28.52 6.03 -1.84
CA GLU D 133 -29.27 4.82 -1.46
C GLU D 133 -29.54 3.90 -2.65
N ARG D 134 -29.96 4.50 -3.76
CA ARG D 134 -30.35 3.81 -4.97
C ARG D 134 -29.39 3.98 -6.14
N VAL D 135 -28.15 4.41 -5.85
CA VAL D 135 -27.11 4.52 -6.86
C VAL D 135 -26.16 3.36 -6.77
N SER D 136 -25.92 2.73 -7.91
CA SER D 136 -24.88 1.68 -8.04
C SER D 136 -23.51 2.32 -8.17
N LEU D 137 -22.68 2.14 -7.15
CA LEU D 137 -21.30 2.67 -7.15
C LEU D 137 -20.35 1.60 -7.65
N ASP D 138 -19.54 1.90 -8.64
CA ASP D 138 -18.53 0.91 -9.03
C ASP D 138 -17.24 1.55 -9.50
N GLY D 139 -17.03 2.81 -9.16
CA GLY D 139 -15.74 3.43 -9.46
C GLY D 139 -14.77 3.31 -8.28
N PRO D 140 -13.52 3.72 -8.49
CA PRO D 140 -12.51 3.65 -7.41
C PRO D 140 -12.89 4.49 -6.18
N VAL D 141 -12.31 4.13 -5.04
CA VAL D 141 -12.44 4.91 -3.84
C VAL D 141 -11.09 5.48 -3.41
N ILE D 142 -11.07 6.74 -3.01
CA ILE D 142 -9.92 7.31 -2.39
C ILE D 142 -10.12 7.27 -0.88
N SER D 143 -9.10 6.78 -0.12
CA SER D 143 -9.05 6.92 1.30
C SER D 143 -7.92 7.88 1.70
N VAL D 144 -8.20 8.74 2.64
CA VAL D 144 -7.21 9.72 3.16
C VAL D 144 -7.01 9.55 4.63
N GLU D 145 -5.75 9.32 5.01
CA GLU D 145 -5.39 9.35 6.42
C GLU D 145 -4.94 10.76 6.81
N VAL D 146 -5.60 11.38 7.80
CA VAL D 146 -5.34 12.77 8.12
C VAL D 146 -4.13 12.87 9.07
N SER D 147 -3.18 13.68 8.66
CA SER D 147 -2.02 13.90 9.46
C SER D 147 -2.16 15.12 10.34
N ARG D 148 -2.88 16.12 9.82
CA ARG D 148 -3.14 17.33 10.57
C ARG D 148 -4.56 17.83 10.34
N TRP D 149 -5.14 18.35 11.40
CA TRP D 149 -6.39 19.13 11.35
C TRP D 149 -6.12 20.56 11.67
N ALA D 150 -6.80 21.45 10.96
CA ALA D 150 -6.78 22.90 11.24
C ALA D 150 -8.19 23.48 11.12
N SER D 151 -8.49 24.51 11.88
CA SER D 151 -9.83 25.07 11.93
C SER D 151 -9.83 26.52 12.36
N TRP D 152 -10.88 27.25 11.98
CA TRP D 152 -11.07 28.63 12.41
C TRP D 152 -12.57 28.87 12.43
N GLN D 153 -13.04 29.68 13.40
CA GLN D 153 -14.42 30.13 13.36
C GLN D 153 -14.46 31.64 13.62
N ALA D 154 -15.47 32.31 13.06
CA ALA D 154 -15.58 33.75 13.22
C ALA D 154 -15.83 34.10 14.70
N ASP E 17 17.15 -21.99 32.86
CA ASP E 17 16.42 -21.04 33.75
C ASP E 17 16.40 -19.63 33.13
N ALA E 18 15.25 -18.96 33.25
CA ALA E 18 14.95 -17.80 32.43
C ALA E 18 15.72 -16.61 32.96
N VAL E 19 15.71 -16.43 34.27
CA VAL E 19 16.40 -15.29 34.90
C VAL E 19 17.90 -15.41 34.67
N THR E 20 18.43 -16.62 34.78
CA THR E 20 19.86 -16.85 34.50
C THR E 20 20.26 -16.50 33.05
N ALA E 21 19.44 -16.97 32.12
CA ALA E 21 19.71 -16.77 30.74
C ALA E 21 19.62 -15.26 30.43
N PHE E 22 18.65 -14.60 31.05
CA PHE E 22 18.52 -13.14 30.82
C PHE E 22 19.79 -12.41 31.32
N ALA E 23 20.22 -12.76 32.53
CA ALA E 23 21.28 -12.06 33.23
C ALA E 23 22.58 -12.22 32.48
N ASP E 24 22.76 -13.37 31.88
CA ASP E 24 24.02 -13.71 31.18
C ASP E 24 24.16 -13.09 29.80
N ALA E 25 23.04 -12.79 29.16
CA ALA E 25 23.06 -12.27 27.81
C ALA E 25 23.69 -10.86 27.76
N PRO E 26 24.41 -10.53 26.69
CA PRO E 26 25.08 -9.24 26.63
C PRO E 26 24.18 -8.03 26.36
N ALA E 27 23.12 -8.22 25.60
CA ALA E 27 22.29 -7.07 25.19
C ALA E 27 20.80 -7.32 25.40
N ALA E 28 20.07 -6.27 25.74
CA ALA E 28 18.62 -6.28 25.89
C ALA E 28 18.06 -5.08 25.20
N VAL E 29 16.78 -5.12 24.94
CA VAL E 29 16.01 -4.00 24.49
C VAL E 29 15.18 -3.47 25.64
N LEU E 30 15.32 -2.17 25.88
CA LEU E 30 14.64 -1.45 26.93
C LEU E 30 13.47 -0.61 26.36
N SER E 31 12.29 -0.83 26.92
CA SER E 31 11.11 -0.09 26.49
C SER E 31 10.65 0.87 27.58
N THR E 32 10.52 2.14 27.20
CA THR E 32 10.04 3.19 28.07
C THR E 32 8.82 3.81 27.44
N LEU E 33 8.17 4.71 28.21
CA LEU E 33 7.04 5.45 27.67
C LEU E 33 7.40 6.91 27.40
N ASN E 34 6.99 7.41 26.23
CA ASN E 34 7.08 8.80 25.92
C ASN E 34 6.10 9.58 26.81
N ALA E 35 6.37 10.88 26.88
CA ALA E 35 5.48 11.74 27.67
C ALA E 35 3.98 11.58 27.27
N ASP E 36 3.72 11.28 26.01
CA ASP E 36 2.35 11.12 25.52
C ASP E 36 1.88 9.67 25.60
N GLY E 37 2.54 8.87 26.43
CA GLY E 37 2.15 7.47 26.60
C GLY E 37 2.65 6.44 25.52
N ALA E 38 3.15 6.90 24.38
CA ALA E 38 3.56 5.96 23.33
C ALA E 38 4.89 5.26 23.69
N PRO E 39 5.08 4.04 23.17
CA PRO E 39 6.24 3.30 23.47
C PRO E 39 7.47 3.75 22.75
N HIS E 40 8.59 3.51 23.43
CA HIS E 40 9.90 3.84 22.96
C HIS E 40 10.83 2.64 23.25
N LEU E 41 11.77 2.44 22.39
CA LEU E 41 12.72 1.35 22.49
C LEU E 41 14.13 1.85 22.27
N VAL E 42 15.08 1.32 23.08
CA VAL E 42 16.48 1.50 22.83
C VAL E 42 17.19 0.23 23.34
N PRO E 43 18.32 -0.15 22.71
CA PRO E 43 19.11 -1.24 23.25
C PRO E 43 19.98 -0.81 24.38
N VAL E 44 20.30 -1.75 25.26
CA VAL E 44 21.13 -1.48 26.44
C VAL E 44 22.05 -2.65 26.71
N VAL E 45 23.18 -2.41 27.38
CA VAL E 45 23.86 -3.45 28.15
C VAL E 45 23.44 -3.26 29.60
N PHE E 46 23.62 -4.28 30.44
CA PHE E 46 22.90 -4.31 31.70
C PHE E 46 23.47 -5.38 32.61
N ALA E 47 23.22 -5.24 33.91
CA ALA E 47 23.66 -6.27 34.84
C ALA E 47 22.57 -6.46 35.88
N VAL E 48 22.30 -7.70 36.19
CA VAL E 48 21.23 -8.09 37.11
C VAL E 48 21.77 -8.46 38.48
N HIS E 49 21.09 -7.96 39.51
CA HIS E 49 21.33 -8.40 40.84
C HIS E 49 20.16 -9.26 41.25
N VAL E 50 20.41 -10.56 41.39
CA VAL E 50 19.45 -11.52 42.01
C VAL E 50 19.61 -11.54 43.53
N PRO E 51 18.54 -11.27 44.27
CA PRO E 51 18.57 -11.40 45.73
C PRO E 51 18.69 -12.87 46.12
N HIS E 52 19.43 -13.20 47.18
CA HIS E 52 19.55 -14.62 47.57
C HIS E 52 18.66 -15.06 48.74
N VAL E 53 17.99 -14.10 49.39
CA VAL E 53 16.85 -14.43 50.26
C VAL E 53 15.61 -14.56 49.38
N GLU E 54 14.44 -14.73 50.00
CA GLU E 54 13.15 -14.88 49.28
C GLU E 54 12.42 -13.53 49.28
N GLY E 55 11.76 -13.21 48.16
CA GLY E 55 10.84 -12.08 48.11
C GLY E 55 11.41 -10.66 48.03
N GLN E 56 12.70 -10.55 47.74
CA GLN E 56 13.30 -9.27 47.30
C GLN E 56 13.18 -9.24 45.77
N PRO E 57 12.88 -8.08 45.17
CA PRO E 57 12.86 -8.07 43.71
C PRO E 57 14.30 -8.06 43.18
N ALA E 58 14.56 -8.72 42.05
CA ALA E 58 15.78 -8.48 41.27
C ALA E 58 15.79 -7.01 40.86
N ARG E 59 16.99 -6.51 40.65
CA ARG E 59 17.24 -5.16 40.21
C ARG E 59 18.19 -5.29 39.02
N ILE E 60 17.92 -4.53 37.97
CA ILE E 60 18.75 -4.53 36.79
C ILE E 60 19.32 -3.14 36.65
N TYR E 61 20.57 -3.06 36.30
CA TYR E 61 21.30 -1.77 36.27
C TYR E 61 21.81 -1.55 34.89
N THR E 62 21.65 -0.33 34.39
CA THR E 62 22.27 0.10 33.13
C THR E 62 22.82 1.49 33.34
N ALA E 63 23.95 1.78 32.71
CA ALA E 63 24.58 3.08 32.85
C ALA E 63 24.39 3.93 31.60
N VAL E 64 24.15 5.21 31.80
CA VAL E 64 23.98 6.17 30.71
C VAL E 64 25.28 6.90 30.47
N ASP E 65 25.81 6.77 29.25
CA ASP E 65 27.01 7.47 28.91
C ASP E 65 26.65 8.95 28.57
N ALA E 66 26.23 9.71 29.57
CA ALA E 66 25.75 11.08 29.36
C ALA E 66 26.91 12.05 29.20
N LYS E 67 26.72 13.19 28.54
CA LYS E 67 27.83 14.12 28.49
C LYS E 67 27.65 15.24 29.52
N ARG E 68 27.14 14.88 30.70
CA ARG E 68 26.96 15.81 31.81
C ARG E 68 27.07 15.07 33.15
N LYS E 69 27.46 15.77 34.21
CA LYS E 69 27.65 15.11 35.52
C LYS E 69 26.57 15.32 36.59
N THR E 70 26.33 16.57 36.96
CA THR E 70 25.44 16.90 38.07
C THR E 70 24.88 18.31 37.93
N THR E 71 23.74 18.54 38.56
CA THR E 71 23.07 19.83 38.50
C THR E 71 22.82 20.13 37.03
N ARG E 72 22.55 19.09 36.26
CA ARG E 72 22.07 19.27 34.90
C ARG E 72 20.62 18.80 34.86
N ASN E 73 19.72 19.71 34.49
CA ASN E 73 18.30 19.38 34.50
C ASN E 73 17.48 20.03 33.38
N LEU E 74 16.40 19.37 33.01
CA LEU E 74 15.55 19.80 31.91
C LEU E 74 16.11 19.28 30.59
N ARG E 75 17.26 18.63 30.66
CA ARG E 75 18.06 18.32 29.48
C ARG E 75 17.40 17.39 28.46
N ARG E 76 17.55 17.73 27.18
CA ARG E 76 17.10 16.91 26.07
C ARG E 76 15.59 16.60 26.17
N LEU E 77 15.23 15.34 25.99
CA LEU E 77 13.84 14.91 26.13
C LEU E 77 13.78 13.94 27.30
N ALA E 78 12.87 14.18 28.23
CA ALA E 78 12.81 13.40 29.46
C ALA E 78 11.42 12.91 29.87
N ASN E 79 11.28 11.59 29.93
CA ASN E 79 10.04 10.95 30.35
C ASN E 79 10.23 9.98 31.51
N ILE E 80 11.44 9.45 31.88
CA ILE E 80 11.50 8.41 33.00
C ILE E 80 11.17 9.00 34.39
N ASP E 81 11.31 10.32 34.59
CA ASP E 81 10.73 10.84 35.83
C ASP E 81 9.21 10.75 35.79
N ARG E 82 8.64 11.04 34.62
CA ARG E 82 7.18 11.17 34.46
C ARG E 82 6.27 9.91 34.38
N ASP E 83 6.63 8.91 33.58
CA ASP E 83 6.13 7.54 33.72
C ASP E 83 7.35 6.62 33.81
N SER E 84 7.43 5.90 34.88
CA SER E 84 8.64 5.12 35.10
C SER E 84 8.56 3.67 34.76
N ARG E 85 7.43 3.26 34.20
CA ARG E 85 7.29 1.86 33.85
C ARG E 85 8.14 1.46 32.64
N VAL E 86 8.84 0.34 32.77
CA VAL E 86 9.78 -0.12 31.72
C VAL E 86 9.62 -1.62 31.59
N SER E 87 10.10 -2.13 30.47
CA SER E 87 10.21 -3.54 30.23
C SER E 87 11.56 -3.77 29.51
N LEU E 88 12.22 -4.89 29.83
CA LEU E 88 13.47 -5.23 29.14
C LEU E 88 13.32 -6.63 28.56
N LEU E 89 13.80 -6.80 27.33
CA LEU E 89 13.68 -8.06 26.64
C LEU E 89 15.05 -8.55 26.15
N VAL E 90 15.35 -9.80 26.49
CA VAL E 90 16.50 -10.51 25.95
C VAL E 90 15.89 -11.57 25.05
N ASP E 91 16.46 -11.71 23.84
CA ASP E 91 16.00 -12.82 22.98
C ASP E 91 17.16 -13.43 22.22
N HIS E 92 16.90 -14.64 21.74
CA HIS E 92 17.91 -15.40 21.03
C HIS E 92 17.27 -15.80 19.73
N TYR E 93 17.77 -15.22 18.64
CA TYR E 93 17.28 -15.48 17.30
C TYR E 93 18.22 -16.49 16.66
N SER E 94 17.67 -17.35 15.81
CA SER E 94 18.41 -18.27 15.00
C SER E 94 17.66 -18.47 13.69
N ASP E 95 18.38 -18.73 12.60
CA ASP E 95 17.74 -19.20 11.35
C ASP E 95 16.91 -20.47 11.59
N ASP E 96 17.29 -21.22 12.63
CA ASP E 96 16.53 -22.39 13.00
C ASP E 96 15.51 -21.89 14.00
N TRP E 97 14.28 -21.82 13.53
CA TRP E 97 13.16 -21.34 14.32
C TRP E 97 12.72 -22.22 15.51
N THR E 98 13.15 -23.50 15.54
CA THR E 98 12.96 -24.31 16.73
C THR E 98 13.82 -23.88 17.93
N GLN E 99 14.79 -23.01 17.71
CA GLN E 99 15.76 -22.65 18.75
C GLN E 99 15.47 -21.26 19.34
N LEU E 100 14.35 -20.66 18.97
CA LEU E 100 14.03 -19.32 19.45
C LEU E 100 13.63 -19.32 20.94
N TRP E 101 13.97 -18.22 21.61
CA TRP E 101 13.54 -18.07 22.98
C TRP E 101 13.68 -16.63 23.41
N TRP E 102 12.89 -16.24 24.39
CA TRP E 102 13.09 -14.91 24.95
C TRP E 102 12.75 -14.88 26.40
N VAL E 103 13.29 -13.87 27.12
CA VAL E 103 12.98 -13.59 28.48
C VAL E 103 12.75 -12.10 28.67
N ARG E 104 11.70 -11.74 29.42
CA ARG E 104 11.33 -10.35 29.63
C ARG E 104 11.15 -9.99 31.12
N ALA E 105 11.66 -8.83 31.49
CA ALA E 105 11.48 -8.28 32.81
C ALA E 105 10.69 -7.05 32.74
N ASP E 106 9.65 -6.94 33.57
CA ASP E 106 8.80 -5.75 33.63
C ASP E 106 8.87 -5.14 35.02
N GLY E 107 9.04 -3.81 35.09
CA GLY E 107 9.31 -3.17 36.35
C GLY E 107 9.26 -1.68 36.30
N VAL E 108 9.85 -1.06 37.32
CA VAL E 108 9.90 0.38 37.44
C VAL E 108 11.34 0.86 37.52
N ALA E 109 11.65 1.84 36.68
CA ALA E 109 12.99 2.49 36.64
C ALA E 109 13.11 3.76 37.44
N THR E 110 14.28 3.92 38.07
CA THR E 110 14.63 5.08 38.84
C THR E 110 16.07 5.41 38.42
N THR E 111 16.29 6.66 38.00
CA THR E 111 17.57 7.17 37.61
C THR E 111 18.31 7.70 38.82
N HIS E 112 19.59 7.35 38.92
CA HIS E 112 20.44 7.81 40.04
C HIS E 112 21.66 8.51 39.50
N HIS E 113 21.93 9.73 40.01
CA HIS E 113 23.01 10.49 39.52
C HIS E 113 24.24 10.34 40.40
N SER E 114 24.06 9.94 41.64
CA SER E 114 25.24 9.61 42.49
C SER E 114 24.82 8.64 43.58
N GLY E 115 25.79 8.19 44.36
CA GLY E 115 25.49 7.42 45.56
C GLY E 115 25.56 5.91 45.36
N ASP E 116 24.99 5.17 46.32
CA ASP E 116 25.26 3.74 46.40
C ASP E 116 24.70 2.97 45.21
N GLU E 117 23.57 3.42 44.68
CA GLU E 117 23.06 2.77 43.43
C GLU E 117 23.96 2.92 42.24
N VAL E 118 24.53 4.08 42.06
CA VAL E 118 25.51 4.30 40.99
C VAL E 118 26.72 3.40 41.16
N ALA E 119 27.26 3.38 42.39
CA ALA E 119 28.39 2.51 42.69
C ALA E 119 28.09 1.01 42.44
N THR E 120 26.98 0.56 42.93
CA THR E 120 26.56 -0.84 42.72
C THR E 120 26.45 -1.12 41.20
N GLY E 121 25.75 -0.27 40.47
CA GLY E 121 25.54 -0.50 39.05
C GLY E 121 26.85 -0.56 38.30
N TYR E 122 27.77 0.40 38.58
CA TYR E 122 29.05 0.35 38.00
C TYR E 122 29.80 -0.95 38.32
N ALA E 123 29.77 -1.41 39.57
CA ALA E 123 30.54 -2.59 39.91
C ALA E 123 29.98 -3.80 39.20
N LEU E 124 28.68 -3.90 39.12
CA LEU E 124 28.03 -5.02 38.46
C LEU E 124 28.35 -5.02 36.92
N LEU E 125 28.28 -3.87 36.32
CA LEU E 125 28.55 -3.76 34.90
C LEU E 125 30.03 -4.07 34.59
N ARG E 126 30.92 -3.59 35.46
CA ARG E 126 32.34 -3.82 35.31
C ARG E 126 32.64 -5.32 35.40
N ALA E 127 31.95 -6.00 36.31
CA ALA E 127 32.17 -7.43 36.52
C ALA E 127 31.70 -8.20 35.31
N LYS E 128 30.68 -7.69 34.62
CA LYS E 128 30.12 -8.47 33.51
C LYS E 128 30.81 -8.22 32.14
N TYR E 129 31.17 -6.99 31.85
CA TYR E 129 31.68 -6.59 30.54
C TYR E 129 33.12 -6.15 30.58
N HIS E 130 33.97 -7.00 30.01
CA HIS E 130 35.38 -6.64 29.77
C HIS E 130 35.59 -5.32 29.07
N GLN E 131 34.63 -4.90 28.22
CA GLN E 131 34.72 -3.63 27.52
C GLN E 131 34.84 -2.40 28.43
N TYR E 132 34.30 -2.45 29.64
CA TYR E 132 34.39 -1.35 30.54
C TYR E 132 35.79 -1.18 31.14
N GLU E 133 36.71 -2.10 30.84
CA GLU E 133 38.14 -1.83 31.18
C GLU E 133 38.64 -0.60 30.44
N ARG E 134 38.08 -0.32 29.26
CA ARG E 134 38.53 0.81 28.46
C ARG E 134 37.48 1.84 28.12
N VAL E 135 36.25 1.67 28.57
CA VAL E 135 35.17 2.62 28.33
C VAL E 135 34.82 3.20 29.69
N SER E 136 34.88 4.51 29.88
CA SER E 136 34.64 5.00 31.23
C SER E 136 33.16 4.93 31.64
N LEU E 137 32.95 4.77 32.93
CA LEU E 137 31.62 4.86 33.55
C LEU E 137 31.59 6.12 34.36
N ASP E 138 30.88 7.10 33.83
CA ASP E 138 30.88 8.43 34.46
C ASP E 138 29.52 9.08 34.48
N GLY E 139 28.48 8.39 34.02
CA GLY E 139 27.15 8.99 33.92
C GLY E 139 26.17 8.32 34.91
N PRO E 140 24.91 8.72 34.85
CA PRO E 140 23.88 8.20 35.75
C PRO E 140 23.61 6.73 35.51
N VAL E 141 23.03 6.10 36.49
CA VAL E 141 22.66 4.70 36.43
C VAL E 141 21.15 4.60 36.59
N ILE E 142 20.53 3.86 35.66
CA ILE E 142 19.18 3.51 35.78
C ILE E 142 19.08 2.21 36.50
N SER E 143 18.27 2.21 37.56
CA SER E 143 17.96 0.99 38.31
C SER E 143 16.52 0.57 38.04
N VAL E 144 16.32 -0.70 37.75
CA VAL E 144 14.99 -1.21 37.41
C VAL E 144 14.63 -2.27 38.42
N GLU E 145 13.58 -1.97 39.20
CA GLU E 145 13.06 -2.97 40.13
C GLU E 145 12.04 -3.83 39.40
N VAL E 146 12.30 -5.12 39.36
CA VAL E 146 11.53 -6.00 38.50
C VAL E 146 10.36 -6.53 39.26
N SER E 147 9.16 -6.35 38.69
CA SER E 147 7.98 -6.84 39.35
C SER E 147 7.48 -8.12 38.75
N ARG E 148 7.88 -8.40 37.52
CA ARG E 148 7.48 -9.64 36.90
C ARG E 148 8.51 -10.13 35.89
N TRP E 149 8.72 -11.43 35.87
CA TRP E 149 9.50 -12.10 34.82
C TRP E 149 8.56 -12.88 33.92
N ALA E 150 8.91 -12.98 32.64
CA ALA E 150 8.10 -13.74 31.69
C ALA E 150 9.10 -14.40 30.72
N SER E 151 8.70 -15.52 30.13
CA SER E 151 9.62 -16.24 29.20
C SER E 151 8.84 -17.08 28.21
N TRP E 152 9.48 -17.39 27.12
CA TRP E 152 8.87 -18.14 26.04
C TRP E 152 9.97 -18.87 25.30
N GLN E 153 9.66 -20.04 24.79
CA GLN E 153 10.61 -20.75 24.01
C GLN E 153 9.84 -21.51 22.92
N ALA E 154 10.47 -21.66 21.75
CA ALA E 154 9.86 -22.34 20.60
C ALA E 154 9.38 -23.71 21.02
N ASP F 17 7.59 -6.53 -7.11
CA ASP F 17 8.58 -7.56 -7.53
C ASP F 17 7.85 -8.82 -8.05
N ALA F 18 8.35 -9.28 -9.16
CA ALA F 18 7.56 -10.19 -9.98
C ALA F 18 7.58 -11.54 -9.32
N VAL F 19 8.73 -11.98 -8.84
CA VAL F 19 8.82 -13.35 -8.21
C VAL F 19 7.93 -13.41 -6.97
N THR F 20 7.98 -12.36 -6.17
CA THR F 20 7.14 -12.29 -4.96
C THR F 20 5.67 -12.39 -5.26
N ALA F 21 5.22 -11.66 -6.29
CA ALA F 21 3.85 -11.74 -6.69
C ALA F 21 3.43 -13.13 -7.25
N PHE F 22 4.26 -13.65 -8.13
CA PHE F 22 4.03 -14.99 -8.72
C PHE F 22 3.93 -16.02 -7.58
N ALA F 23 4.91 -16.04 -6.66
CA ALA F 23 4.96 -17.08 -5.62
C ALA F 23 3.72 -17.06 -4.71
N ASP F 24 3.12 -15.89 -4.53
CA ASP F 24 1.92 -15.80 -3.69
C ASP F 24 0.58 -16.14 -4.34
N ALA F 25 0.49 -16.14 -5.70
CA ALA F 25 -0.73 -16.36 -6.38
C ALA F 25 -1.16 -17.80 -6.24
N PRO F 26 -2.48 -18.01 -6.19
CA PRO F 26 -2.94 -19.39 -5.96
C PRO F 26 -2.89 -20.29 -7.16
N ALA F 27 -3.03 -19.75 -8.35
CA ALA F 27 -3.18 -20.64 -9.55
C ALA F 27 -2.31 -20.11 -10.69
N ALA F 28 -1.66 -21.00 -11.43
CA ALA F 28 -0.87 -20.64 -12.64
C ALA F 28 -1.34 -21.48 -13.81
N VAL F 29 -0.97 -21.08 -15.03
CA VAL F 29 -1.22 -21.97 -16.17
C VAL F 29 0.12 -22.55 -16.58
N LEU F 30 0.19 -23.86 -16.78
CA LEU F 30 1.41 -24.56 -17.13
C LEU F 30 1.32 -24.96 -18.57
N SER F 31 2.34 -24.61 -19.35
CA SER F 31 2.39 -25.05 -20.70
C SER F 31 3.52 -26.06 -20.87
N THR F 32 3.19 -27.21 -21.48
CA THR F 32 4.15 -28.22 -21.82
C THR F 32 4.01 -28.46 -23.33
N LEU F 33 4.85 -29.31 -23.90
CA LEU F 33 4.83 -29.61 -25.31
C LEU F 33 4.35 -31.07 -25.52
N ASN F 34 3.41 -31.22 -26.45
CA ASN F 34 2.96 -32.58 -26.85
C ASN F 34 4.07 -33.29 -27.62
N ALA F 35 3.85 -34.58 -27.91
CA ALA F 35 4.81 -35.41 -28.64
C ALA F 35 5.25 -34.83 -29.94
N ASP F 36 4.32 -34.15 -30.61
CA ASP F 36 4.56 -33.47 -31.87
C ASP F 36 5.09 -32.03 -31.77
N GLY F 37 5.33 -31.53 -30.56
CA GLY F 37 5.84 -30.17 -30.38
C GLY F 37 4.81 -29.10 -30.14
N ALA F 38 3.53 -29.42 -30.36
CA ALA F 38 2.50 -28.44 -30.12
C ALA F 38 2.28 -28.11 -28.64
N PRO F 39 1.85 -26.90 -28.35
CA PRO F 39 1.70 -26.54 -26.95
C PRO F 39 0.47 -27.19 -26.31
N HIS F 40 0.56 -27.39 -25.00
CA HIS F 40 -0.52 -27.95 -24.21
C HIS F 40 -0.65 -27.26 -22.87
N LEU F 41 -1.85 -26.87 -22.49
CA LEU F 41 -2.04 -26.06 -21.29
C LEU F 41 -2.92 -26.76 -20.25
N VAL F 42 -2.51 -26.68 -18.99
CA VAL F 42 -3.37 -27.05 -17.87
C VAL F 42 -3.15 -26.07 -16.73
N PRO F 43 -4.20 -25.86 -15.92
CA PRO F 43 -4.01 -25.01 -14.74
C PRO F 43 -3.36 -25.83 -13.62
N VAL F 44 -2.55 -25.17 -12.84
CA VAL F 44 -1.93 -25.84 -11.69
C VAL F 44 -1.98 -24.97 -10.42
N VAL F 45 -1.90 -25.64 -9.27
CA VAL F 45 -1.45 -24.96 -8.05
C VAL F 45 -0.02 -25.32 -7.86
N PHE F 46 0.74 -24.48 -7.13
CA PHE F 46 2.16 -24.55 -7.21
C PHE F 46 2.79 -23.82 -6.00
N ALA F 47 4.02 -24.19 -5.70
CA ALA F 47 4.79 -23.50 -4.67
C ALA F 47 6.20 -23.28 -5.10
N VAL F 48 6.72 -22.08 -4.80
CA VAL F 48 8.00 -21.65 -5.31
C VAL F 48 9.02 -21.65 -4.17
N HIS F 49 10.16 -22.22 -4.41
CA HIS F 49 11.34 -22.06 -3.57
C HIS F 49 12.10 -20.93 -4.14
N VAL F 50 12.16 -19.80 -3.42
CA VAL F 50 12.98 -18.70 -3.92
C VAL F 50 14.31 -18.73 -3.30
N PRO F 51 15.33 -18.57 -4.14
CA PRO F 51 16.65 -18.77 -3.69
C PRO F 51 17.09 -17.52 -2.90
N HIS F 52 17.93 -17.79 -1.92
CA HIS F 52 18.54 -16.77 -1.13
C HIS F 52 20.06 -16.99 -1.19
N VAL F 53 20.51 -17.68 -2.23
CA VAL F 53 21.93 -17.82 -2.56
C VAL F 53 22.18 -17.28 -3.96
N GLU F 54 23.22 -16.48 -4.09
CA GLU F 54 23.50 -15.82 -5.34
C GLU F 54 23.77 -16.87 -6.38
N GLY F 55 23.17 -16.67 -7.55
CA GLY F 55 23.31 -17.56 -8.66
C GLY F 55 22.47 -18.85 -8.68
N GLN F 56 21.65 -19.07 -7.69
CA GLN F 56 20.80 -20.25 -7.66
C GLN F 56 19.44 -19.87 -8.22
N PRO F 57 18.90 -20.72 -9.07
CA PRO F 57 17.59 -20.38 -9.66
C PRO F 57 16.42 -20.75 -8.73
N ALA F 58 15.27 -20.09 -8.92
CA ALA F 58 14.06 -20.53 -8.23
C ALA F 58 13.63 -21.90 -8.75
N ARG F 59 12.93 -22.61 -7.91
CA ARG F 59 12.31 -23.89 -8.29
C ARG F 59 10.85 -23.83 -7.97
N ILE F 60 10.02 -24.26 -8.92
CA ILE F 60 8.61 -24.32 -8.72
C ILE F 60 8.14 -25.79 -8.64
N TYR F 61 7.30 -26.09 -7.66
CA TYR F 61 6.77 -27.45 -7.44
C TYR F 61 5.31 -27.52 -7.67
N THR F 62 4.82 -28.60 -8.29
CA THR F 62 3.42 -28.82 -8.41
C THR F 62 3.24 -30.31 -8.38
N ALA F 63 2.16 -30.80 -7.83
CA ALA F 63 2.02 -32.25 -7.67
C ALA F 63 0.89 -32.75 -8.55
N VAL F 64 1.05 -33.97 -9.03
CA VAL F 64 0.01 -34.59 -9.86
C VAL F 64 -0.76 -35.57 -9.00
N ASP F 65 -2.04 -35.32 -8.93
CA ASP F 65 -2.94 -36.13 -8.15
C ASP F 65 -2.99 -37.55 -8.72
N ALA F 66 -2.65 -38.55 -7.93
CA ALA F 66 -2.62 -39.94 -8.40
C ALA F 66 -4.03 -40.49 -8.68
N LYS F 67 -4.25 -41.24 -9.67
CA LYS F 67 -5.53 -41.84 -10.03
C LYS F 67 -5.28 -43.06 -10.93
N ARG F 68 -6.27 -43.94 -11.02
CA ARG F 68 -6.15 -45.08 -11.92
C ARG F 68 -7.09 -44.95 -13.12
N LYS F 69 -6.51 -44.90 -14.31
CA LYS F 69 -7.27 -44.84 -15.55
C LYS F 69 -6.41 -45.33 -16.70
N THR F 70 -7.04 -45.72 -17.80
CA THR F 70 -6.29 -46.10 -18.99
C THR F 70 -5.55 -44.87 -19.51
N THR F 71 -4.28 -45.05 -19.87
CA THR F 71 -3.47 -43.94 -20.34
C THR F 71 -3.15 -43.02 -19.16
N ARG F 72 -4.20 -42.53 -18.52
CA ARG F 72 -4.09 -41.68 -17.33
C ARG F 72 -3.26 -40.41 -17.58
N ASN F 73 -2.34 -40.12 -16.68
CA ASN F 73 -1.50 -38.92 -16.77
C ASN F 73 -0.17 -39.18 -17.46
N LEU F 74 0.04 -40.41 -17.91
CA LEU F 74 1.32 -40.81 -18.48
C LEU F 74 1.67 -40.01 -19.73
N ARG F 75 0.69 -39.77 -20.60
CA ARG F 75 0.95 -39.00 -21.80
C ARG F 75 1.38 -37.58 -21.46
N ARG F 76 0.64 -37.03 -20.51
CA ARG F 76 0.92 -35.79 -19.84
C ARG F 76 2.23 -35.90 -19.08
N LEU F 77 2.49 -37.03 -18.42
CA LEU F 77 3.81 -37.05 -17.80
C LEU F 77 4.83 -37.47 -18.82
N ALA F 78 4.40 -38.32 -19.76
CA ALA F 78 5.29 -38.81 -20.81
C ALA F 78 5.92 -37.63 -21.56
N ASN F 79 5.13 -36.57 -21.70
CA ASN F 79 5.52 -35.43 -22.53
C ASN F 79 6.60 -34.53 -21.94
N ILE F 80 6.50 -34.24 -20.63
CA ILE F 80 7.64 -33.68 -19.86
C ILE F 80 8.86 -34.62 -19.94
N ASP F 81 8.63 -35.95 -19.98
CA ASP F 81 9.79 -36.83 -20.00
C ASP F 81 10.43 -36.74 -21.39
N ARG F 82 9.66 -36.46 -22.46
CA ARG F 82 10.26 -36.34 -23.76
C ARG F 82 10.93 -34.97 -23.96
N ASP F 83 10.22 -33.92 -23.59
CA ASP F 83 10.67 -32.55 -23.75
C ASP F 83 10.33 -31.80 -22.51
N SER F 84 11.39 -31.40 -21.82
CA SER F 84 11.28 -30.88 -20.48
C SER F 84 10.94 -29.42 -20.41
N ARG F 85 10.85 -28.76 -21.56
CA ARG F 85 10.69 -27.31 -21.55
C ARG F 85 9.26 -26.94 -21.22
N VAL F 86 9.12 -26.04 -20.27
CA VAL F 86 7.85 -25.54 -19.80
C VAL F 86 7.83 -24.04 -19.58
N SER F 87 6.62 -23.56 -19.49
CA SER F 87 6.39 -22.20 -19.10
C SER F 87 5.17 -22.14 -18.15
N LEU F 88 5.22 -21.23 -17.16
CA LEU F 88 4.13 -21.05 -16.21
C LEU F 88 3.73 -19.60 -16.14
N LEU F 89 2.44 -19.29 -16.19
CA LEU F 89 2.02 -17.91 -16.13
C LEU F 89 1.08 -17.66 -15.00
N VAL F 90 1.33 -16.57 -14.27
CA VAL F 90 0.36 -16.09 -13.25
C VAL F 90 -0.14 -14.77 -13.81
N ASP F 91 -1.44 -14.54 -13.84
CA ASP F 91 -1.93 -13.21 -14.21
C ASP F 91 -3.09 -12.79 -13.32
N HIS F 92 -3.27 -11.50 -13.30
CA HIS F 92 -4.33 -10.82 -12.58
C HIS F 92 -5.14 -10.05 -13.59
N TYR F 93 -6.38 -10.48 -13.80
CA TYR F 93 -7.26 -9.87 -14.73
C TYR F 93 -8.27 -8.98 -13.91
N SER F 94 -8.74 -7.94 -14.54
CA SER F 94 -9.80 -7.07 -14.04
C SER F 94 -10.56 -6.44 -15.22
N ASP F 95 -11.86 -6.19 -15.03
CA ASP F 95 -12.63 -5.46 -15.99
C ASP F 95 -12.07 -4.07 -16.15
N ASP F 96 -11.33 -3.64 -15.13
CA ASP F 96 -10.63 -2.37 -15.10
C ASP F 96 -9.22 -2.67 -15.62
N TRP F 97 -9.00 -2.33 -16.87
CA TRP F 97 -7.79 -2.68 -17.60
C TRP F 97 -6.58 -1.91 -17.15
N THR F 98 -6.77 -0.87 -16.30
CA THR F 98 -5.62 -0.27 -15.61
C THR F 98 -4.97 -1.13 -14.50
N GLN F 99 -5.64 -2.21 -14.12
CA GLN F 99 -5.19 -3.02 -13.04
C GLN F 99 -4.53 -4.34 -13.50
N LEU F 100 -4.32 -4.51 -14.78
CA LEU F 100 -3.84 -5.83 -15.29
C LEU F 100 -2.34 -6.04 -14.98
N TRP F 101 -1.94 -7.28 -14.66
CA TRP F 101 -0.52 -7.62 -14.58
C TRP F 101 -0.36 -9.10 -14.84
N TRP F 102 0.84 -9.46 -15.28
CA TRP F 102 1.23 -10.87 -15.30
C TRP F 102 2.72 -11.11 -15.00
N VAL F 103 3.04 -12.33 -14.61
CA VAL F 103 4.39 -12.78 -14.40
C VAL F 103 4.52 -14.18 -15.00
N ARG F 104 5.58 -14.42 -15.75
CA ARG F 104 5.83 -15.71 -16.38
C ARG F 104 7.22 -16.27 -16.06
N ALA F 105 7.28 -17.57 -15.76
CA ALA F 105 8.52 -18.24 -15.49
C ALA F 105 8.71 -19.32 -16.61
N ASP F 106 9.87 -19.33 -17.25
CA ASP F 106 10.21 -20.36 -18.21
C ASP F 106 11.28 -21.24 -17.60
N GLY F 107 11.29 -22.52 -17.90
CA GLY F 107 12.37 -23.36 -17.44
C GLY F 107 12.22 -24.81 -17.84
N VAL F 108 12.92 -25.68 -17.09
CA VAL F 108 13.01 -27.09 -17.39
C VAL F 108 12.39 -27.87 -16.27
N ALA F 109 11.51 -28.79 -16.62
CA ALA F 109 10.74 -29.58 -15.65
C ALA F 109 11.25 -31.00 -15.54
N THR F 110 11.23 -31.51 -14.32
CA THR F 110 11.67 -32.88 -14.03
C THR F 110 10.59 -33.50 -13.15
N THR F 111 10.18 -34.74 -13.49
CA THR F 111 9.19 -35.42 -12.72
C THR F 111 9.89 -36.28 -11.70
N HIS F 112 9.32 -36.35 -10.49
CA HIS F 112 9.94 -37.05 -9.37
C HIS F 112 8.88 -37.98 -8.81
N HIS F 113 9.20 -39.28 -8.82
CA HIS F 113 8.26 -40.32 -8.27
C HIS F 113 8.54 -40.69 -6.81
N SER F 114 9.77 -40.43 -6.36
CA SER F 114 10.16 -40.62 -4.96
C SER F 114 11.33 -39.70 -4.64
N GLY F 115 11.79 -39.72 -3.40
CA GLY F 115 12.97 -38.99 -3.00
C GLY F 115 12.70 -37.57 -2.48
N ASP F 116 13.77 -36.82 -2.29
CA ASP F 116 13.73 -35.55 -1.57
C ASP F 116 12.87 -34.46 -2.23
N GLU F 117 12.74 -34.50 -3.56
CA GLU F 117 11.98 -33.47 -4.29
C GLU F 117 10.50 -33.69 -4.11
N VAL F 118 10.08 -34.96 -3.99
CA VAL F 118 8.71 -35.26 -3.61
C VAL F 118 8.42 -34.70 -2.25
N ALA F 119 9.28 -34.98 -1.26
CA ALA F 119 8.97 -34.54 0.10
C ALA F 119 8.98 -33.00 0.19
N THR F 120 9.92 -32.36 -0.48
CA THR F 120 10.01 -30.88 -0.51
C THR F 120 8.78 -30.28 -1.18
N GLY F 121 8.42 -30.82 -2.32
CA GLY F 121 7.25 -30.35 -3.01
C GLY F 121 6.03 -30.49 -2.15
N TYR F 122 5.82 -31.66 -1.53
CA TYR F 122 4.66 -31.85 -0.61
C TYR F 122 4.62 -30.83 0.51
N ALA F 123 5.78 -30.62 1.12
CA ALA F 123 5.88 -29.70 2.26
C ALA F 123 5.55 -28.29 1.82
N LEU F 124 6.10 -27.85 0.69
CA LEU F 124 5.86 -26.46 0.24
C LEU F 124 4.40 -26.27 -0.18
N LEU F 125 3.79 -27.29 -0.82
CA LEU F 125 2.42 -27.20 -1.20
C LEU F 125 1.48 -27.20 0.03
N ARG F 126 1.79 -28.05 1.02
CA ARG F 126 0.97 -28.14 2.25
C ARG F 126 1.03 -26.80 3.00
N ALA F 127 2.21 -26.20 3.04
CA ALA F 127 2.34 -24.92 3.73
C ALA F 127 1.58 -23.87 3.00
N LYS F 128 1.48 -23.92 1.68
CA LYS F 128 0.84 -22.81 0.95
C LYS F 128 -0.63 -22.89 0.86
N TYR F 129 -1.17 -24.09 0.73
CA TYR F 129 -2.57 -24.32 0.50
C TYR F 129 -3.25 -25.06 1.64
N HIS F 130 -4.12 -24.33 2.34
CA HIS F 130 -4.91 -24.92 3.47
C HIS F 130 -5.74 -26.11 3.00
N GLN F 131 -6.15 -26.07 1.72
CA GLN F 131 -6.98 -27.12 1.15
C GLN F 131 -6.37 -28.50 1.26
N TYR F 132 -5.04 -28.60 1.31
CA TYR F 132 -4.44 -29.91 1.38
C TYR F 132 -4.61 -30.55 2.77
N GLU F 133 -5.14 -29.82 3.74
CA GLU F 133 -5.52 -30.47 5.01
C GLU F 133 -6.52 -31.61 4.80
N ARG F 134 -7.32 -31.53 3.74
CA ARG F 134 -8.36 -32.49 3.44
C ARG F 134 -8.26 -33.07 2.01
N VAL F 135 -7.11 -32.87 1.33
CA VAL F 135 -6.85 -33.52 0.04
C VAL F 135 -5.49 -34.21 0.18
N SER F 136 -5.47 -35.51 -0.11
CA SER F 136 -4.24 -36.32 -0.03
C SER F 136 -3.21 -35.95 -1.09
N LEU F 137 -1.95 -35.87 -0.69
CA LEU F 137 -0.82 -35.70 -1.62
C LEU F 137 -0.14 -37.04 -1.80
N ASP F 138 -0.43 -37.69 -2.94
CA ASP F 138 -0.14 -39.10 -3.09
C ASP F 138 0.53 -39.44 -4.45
N GLY F 139 0.84 -38.43 -5.26
CA GLY F 139 1.37 -38.63 -6.58
C GLY F 139 2.69 -37.99 -6.81
N PRO F 140 3.15 -38.07 -8.04
CA PRO F 140 4.48 -37.58 -8.40
C PRO F 140 4.53 -36.04 -8.32
N VAL F 141 5.72 -35.50 -8.15
CA VAL F 141 5.91 -34.07 -8.09
C VAL F 141 6.73 -33.65 -9.28
N ILE F 142 6.28 -32.58 -9.92
CA ILE F 142 7.02 -31.94 -10.97
C ILE F 142 7.78 -30.76 -10.38
N SER F 143 9.10 -30.72 -10.53
CA SER F 143 9.89 -29.52 -10.13
C SER F 143 10.35 -28.83 -11.40
N VAL F 144 10.21 -27.50 -11.43
CA VAL F 144 10.64 -26.70 -12.54
C VAL F 144 11.79 -25.79 -12.10
N GLU F 145 12.94 -25.95 -12.77
CA GLU F 145 14.11 -25.06 -12.58
C GLU F 145 13.96 -23.86 -13.51
N VAL F 146 13.80 -22.66 -12.91
CA VAL F 146 13.47 -21.48 -13.68
C VAL F 146 14.71 -20.85 -14.32
N SER F 147 14.71 -20.76 -15.64
CA SER F 147 15.82 -20.14 -16.39
C SER F 147 15.54 -18.68 -16.70
N ARG F 148 14.27 -18.24 -16.70
CA ARG F 148 13.91 -16.86 -17.05
C ARG F 148 12.60 -16.43 -16.40
N TRP F 149 12.56 -15.21 -15.87
CA TRP F 149 11.35 -14.61 -15.38
C TRP F 149 11.01 -13.49 -16.32
N ALA F 150 9.72 -13.23 -16.55
CA ALA F 150 9.28 -12.01 -17.33
C ALA F 150 8.04 -11.49 -16.65
N SER F 151 7.77 -10.20 -16.74
CA SER F 151 6.59 -9.61 -16.13
C SER F 151 6.14 -8.36 -16.89
N TRP F 152 4.90 -7.97 -16.64
CA TRP F 152 4.30 -6.75 -17.25
C TRP F 152 3.20 -6.29 -16.32
N GLN F 153 3.00 -4.98 -16.26
CA GLN F 153 1.83 -4.42 -15.58
C GLN F 153 1.32 -3.25 -16.44
N ALA F 154 0.03 -2.95 -16.36
CA ALA F 154 -0.59 -1.89 -17.15
C ALA F 154 -0.07 -0.55 -16.64
N1 F42 G . -9.96 36.11 5.74
C2 F42 G . -9.42 37.07 4.97
O2 F42 G . -8.47 37.72 5.41
N3 F42 G . -9.87 37.34 3.73
C4 F42 G . -10.84 36.68 3.13
O4 F42 G . -11.17 36.96 1.95
C4A F42 G . -11.52 35.63 3.88
C5 F42 G . -12.60 34.94 3.40
C5A F42 G . -13.13 33.93 4.19
C6 F42 G . -14.18 33.18 3.73
C7 F42 G . -14.76 32.16 4.51
C8 F42 G . -14.21 31.93 5.77
O8M F42 G . -14.71 30.89 6.49
C9 F42 G . -13.15 32.67 6.29
C9A F42 G . -12.57 33.70 5.54
N10 F42 G . -11.51 34.47 6.03
C10 F42 G . -10.98 35.42 5.26
C1' F42 G . -10.95 34.34 7.40
C2' F42 G . -9.68 33.59 7.50
O2' F42 G . -9.94 32.31 7.02
C3' F42 G . -9.28 33.56 8.95
O3' F42 G . -8.91 34.87 9.25
C4' F42 G . -8.14 32.58 9.21
O4' F42 G . -7.47 32.94 10.39
C5' F42 G . -7.06 32.64 8.16
O5' F42 G . -5.92 32.09 8.81
P F42 G . -4.53 32.09 8.01
O1P F42 G . -4.83 31.57 6.62
O2P F42 G . -3.83 33.45 8.13
O3P F42 G . -3.77 30.95 8.87
C1 MPD H . -11.80 38.29 8.24
C2 MPD H . -13.31 38.20 8.20
O2 MPD H . -13.80 37.29 9.22
CM MPD H . -13.88 39.59 8.57
C3 MPD H . -13.83 37.71 6.84
C4 MPD H . -13.50 38.66 5.69
O4 MPD H . -12.11 38.66 5.38
C5 MPD H . -14.20 38.23 4.41
N1 F42 I . 24.28 3.93 25.54
C2 F42 I . 24.37 4.02 26.92
O2 F42 I . 24.46 5.19 27.35
N3 F42 I . 24.27 2.96 27.79
C4 F42 I . 24.19 1.72 27.34
O4 F42 I . 24.08 0.72 28.07
C4A F42 I . 24.08 1.55 25.85
C5 F42 I . 24.00 0.29 25.27
C5A F42 I . 23.93 0.12 23.88
C6 F42 I . 23.77 -1.11 23.29
C7 F42 I . 23.64 -1.26 21.91
C8 F42 I . 23.68 -0.15 21.12
O8M F42 I . 23.52 -0.23 19.77
C9 F42 I . 23.79 1.12 21.67
C9A F42 I . 23.95 1.31 23.06
N10 F42 I . 24.07 2.60 23.61
C10 F42 I . 24.13 2.75 25.02
C1' F42 I . 24.19 3.83 22.83
C2' F42 I . 22.97 4.65 22.82
O2' F42 I . 21.94 3.91 22.14
C3' F42 I . 23.33 5.97 22.13
O3' F42 I . 24.37 6.62 22.81
C4' F42 I . 22.23 6.97 22.23
O4' F42 I . 21.03 6.26 21.90
C5' F42 I . 22.37 8.08 21.24
O5' F42 I . 21.32 7.83 20.28
P F42 I . 19.97 8.76 20.25
O1P F42 I . 20.52 10.16 19.98
O2P F42 I . 18.86 8.19 19.38
O3P F42 I . 19.43 8.62 21.77
N1 F42 J . 5.23 -15.11 16.81
C2 F42 J . 4.43 -14.68 15.81
O2 F42 J . 3.20 -14.95 15.93
N3 F42 J . 4.90 -14.02 14.71
C4 F42 J . 6.24 -13.76 14.59
O4 F42 J . 6.65 -13.10 13.65
C4A F42 J . 7.16 -14.19 15.63
C5 F42 J . 8.54 -13.98 15.55
C5A F42 J . 9.33 -14.40 16.57
C6 F42 J . 10.66 -14.14 16.54
C7 F42 J . 11.50 -14.52 17.57
C8 F42 J . 10.95 -15.17 18.69
O8M F42 J . 11.72 -15.49 19.74
C9 F42 J . 9.60 -15.43 18.78
C9A F42 J . 8.76 -15.04 17.77
N10 F42 J . 7.39 -15.30 17.84
C10 F42 J . 6.58 -14.87 16.79
C1' F42 J . 6.78 -16.00 19.01
C2' F42 J . 6.19 -14.94 19.98
O2' F42 J . 7.10 -13.85 20.34
C3' F42 J . 5.55 -15.70 21.16
O3' F42 J . 5.51 -17.10 20.83
C4' F42 J . 4.06 -15.41 21.40
O4' F42 J . 3.54 -14.40 20.49
C5' F42 J . 3.80 -15.06 22.87
O5' F42 J . 2.63 -14.25 22.90
P F42 J . 2.47 -12.95 23.84
O1P F42 J . 2.85 -11.70 22.90
O2P F42 J . 0.98 -12.82 24.18
O3P F42 J . 3.51 -13.09 24.94
C1 MPD K . 30.14 3.35 24.44
C2 MPD K . 28.69 3.10 24.06
O2 MPD K . 27.89 4.19 24.52
CM MPD K . 28.60 2.95 22.54
C3 MPD K . 28.17 1.80 24.58
C4 MPD K . 28.09 1.65 26.07
O4 MPD K . 27.23 2.67 26.64
C5 MPD K . 27.56 0.24 26.28
C1 MPD L . 0.06 7.08 10.99
C2 MPD L . 0.94 7.90 10.08
O2 MPD L . 1.55 8.93 10.90
CM MPD L . 2.09 7.13 9.47
C3 MPD L . -0.01 8.49 9.05
C4 MPD L . 0.71 9.55 8.26
O4 MPD L . 0.45 9.25 6.88
C5 MPD L . 0.36 10.90 8.77
C1 MRD M . 7.74 -16.79 12.72
C2 MRD M . 6.90 -17.73 13.58
O2 MRD M . 5.70 -17.02 13.96
CM MRD M . 6.27 -18.92 12.84
C3 MRD M . 7.72 -18.24 14.75
C4 MRD M . 6.95 -19.22 15.63
O4 MRD M . 5.77 -18.58 16.07
C5 MRD M . 7.71 -19.68 16.85
N1 F42 N . -2.33 -6.95 -25.04
C2 F42 N . -2.86 -6.94 -26.26
O2 F42 N . -2.19 -6.41 -27.19
N3 F42 N . -3.98 -7.60 -26.54
C4 F42 N . -4.75 -8.23 -25.63
O4 F42 N . -5.83 -8.86 -25.88
C4A F42 N . -4.26 -8.24 -24.25
C5 F42 N . -4.93 -8.82 -23.18
C5A F42 N . -4.35 -8.83 -21.93
C6 F42 N . -5.01 -9.42 -20.86
C7 F42 N . -4.44 -9.41 -19.60
C8 F42 N . -3.21 -8.81 -19.39
O8M F42 N . -2.65 -8.89 -18.16
C9 F42 N . -2.54 -8.16 -20.43
C9A F42 N . -3.09 -8.15 -21.69
N10 F42 N . -2.45 -7.55 -22.75
C10 F42 N . -2.98 -7.54 -24.03
C1' F42 N . -1.18 -6.78 -22.64
C2' F42 N . 0.00 -7.53 -23.18
O2' F42 N . 0.16 -8.63 -22.33
C3' F42 N . 1.19 -6.62 -23.03
O3' F42 N . 0.88 -5.37 -23.63
C4' F42 N . 2.38 -7.22 -23.68
O4' F42 N . 2.54 -8.60 -23.32
C5' F42 N . 3.57 -6.48 -23.15
O5' F42 N . 4.68 -6.93 -23.91
P F42 N . 6.14 -6.33 -23.53
O1P F42 N . 7.09 -6.95 -24.51
O2P F42 N . 5.98 -4.81 -23.49
O3P F42 N . 6.38 -7.05 -22.07
C1 MPD O . -10.87 -27.63 -40.34
C2 MPD O . -9.39 -28.01 -40.39
O2 MPD O . -9.18 -29.23 -39.68
CM MPD O . -8.98 -28.14 -41.86
C3 MPD O . -8.74 -26.84 -39.69
C4 MPD O . -7.52 -27.16 -38.88
O4 MPD O . -7.19 -25.93 -38.24
C5 MPD O . -7.78 -28.29 -37.90
C1 MRD P . -7.03 -5.48 -24.31
C2 MRD P . -5.93 -4.44 -24.44
O2 MRD P . -5.02 -4.80 -25.49
CM MRD P . -6.46 -3.10 -24.91
C3 MRD P . -5.31 -4.33 -23.03
C4 MRD P . -4.22 -3.27 -22.99
O4 MRD P . -3.36 -3.50 -24.08
C5 MRD P . -3.37 -3.39 -21.75
NA NA Q . -12.50 46.56 -16.01
N1 F42 R . -17.98 13.20 -8.68
C2 F42 R . -17.62 12.06 -8.05
O2 F42 R . -17.30 11.12 -8.83
N3 F42 R . -17.54 11.93 -6.69
C4 F42 R . -17.90 12.89 -5.83
O4 F42 R . -17.81 12.82 -4.60
C4A F42 R . -18.38 14.13 -6.46
C5 F42 R . -18.78 15.23 -5.71
C5A F42 R . -19.13 16.43 -6.30
C6 F42 R . -19.59 17.51 -5.54
C7 F42 R . -19.89 18.77 -6.14
C8 F42 R . -19.84 18.84 -7.52
O8M F42 R . -20.12 20.08 -8.05
C9 F42 R . -19.42 17.77 -8.29
C9A F42 R . -19.06 16.54 -7.74
N10 F42 R . -18.71 15.42 -8.48
C10 F42 R . -18.33 14.24 -7.90
C1' F42 R . -18.67 15.43 -9.92
C2' F42 R . -17.30 15.45 -10.50
O2' F42 R . -16.73 16.74 -10.24
C3' F42 R . -17.36 15.21 -12.02
O3' F42 R . -18.14 14.03 -12.31
C4' F42 R . -15.95 15.09 -12.67
O4' F42 R . -15.03 16.06 -12.11
C5' F42 R . -16.05 15.40 -14.15
O5' F42 R . -14.85 14.93 -14.79
P F42 R . -14.78 14.84 -16.39
O1P F42 R . -15.53 16.01 -16.97
O2P F42 R . -15.13 13.43 -16.80
O3P F42 R . -13.25 15.16 -16.63
C1I F42 R . -12.16 14.32 -16.43
C2I F42 R . -11.41 13.99 -17.68
C3I F42 R . -11.35 14.52 -15.21
O3I F42 R . -10.21 14.08 -15.23
N1H F42 R . -11.89 15.33 -14.33
C1H F42 R . -11.19 15.91 -13.22
C2H F42 R . -11.42 15.14 -11.95
O2U F42 R . -10.40 14.82 -11.22
O2T F42 R . -12.58 14.94 -11.55
C3H F42 R . -11.63 17.37 -13.10
C4H F42 R . -11.38 18.16 -14.38
C5H F42 R . -9.95 18.23 -14.78
O5H F42 R . -9.04 18.39 -13.96
N1G F42 R . -9.75 18.21 -16.08
C1G F42 R . -8.45 18.48 -16.62
C2G F42 R . -7.98 19.89 -16.23
O2V F42 R . -8.80 20.84 -16.12
O2W F42 R . -6.72 19.96 -16.04
C3G F42 R . -8.48 18.40 -18.13
C4G F42 R . -8.85 16.99 -18.60
C5G F42 R . -7.58 16.21 -18.82
O6G F42 R . -6.91 15.88 -17.80
O7G F42 R . -7.30 15.96 -20.01
C1 MPD S . 17.57 -19.80 27.82
C2 MPD S . 16.80 -21.00 28.27
O2 MPD S . 17.23 -22.05 27.43
CM MPD S . 17.19 -21.39 29.67
C3 MPD S . 15.29 -20.81 28.05
C4 MPD S . 14.57 -20.06 29.16
O4 MPD S . 13.41 -19.35 28.65
C5 MPD S . 14.09 -20.98 30.27
N1 F42 T . -4.61 -31.44 -10.77
C2 F42 T . -3.45 -31.82 -10.27
O2 F42 T . -3.17 -33.05 -10.34
N3 F42 T . -2.60 -30.95 -9.70
C4 F42 T . -2.84 -29.64 -9.61
O4 F42 T . -1.98 -28.87 -9.10
C4A F42 T . -4.09 -29.13 -10.19
C5 F42 T . -4.48 -27.85 -10.13
C5A F42 T . -5.67 -27.45 -10.73
C6 F42 T . -6.03 -26.12 -10.75
C7 F42 T . -7.22 -25.70 -11.32
C8 F42 T . -8.09 -26.61 -11.90
O8M F42 T . -9.19 -26.22 -12.61
C9 F42 T . -7.70 -27.95 -11.96
C9A F42 T . -6.53 -28.40 -11.36
N10 F42 T . -6.16 -29.75 -11.35
C10 F42 T . -4.97 -30.16 -10.79
C1' F42 T . -7.02 -30.79 -11.94
C2' F42 T . -6.63 -31.26 -13.28
O2' F42 T . -6.86 -30.14 -14.13
C3' F42 T . -7.45 -32.47 -13.72
O3' F42 T . -7.38 -33.49 -12.76
C4' F42 T . -6.82 -33.24 -14.84
O4' F42 T . -6.48 -32.32 -15.84
C5' F42 T . -7.80 -34.28 -15.34
O5' F42 T . -8.42 -33.70 -16.47
P F42 T . -8.21 -34.30 -17.95
O1P F42 T . -6.70 -34.30 -18.20
O2P F42 T . -9.16 -33.60 -18.91
O3P F42 T . -8.76 -35.82 -17.77
C1 MPD U . -7.85 -32.34 -6.27
C2 MPD U . -7.73 -31.62 -7.60
O2 MPD U . -7.04 -32.53 -8.46
CM MPD U . -9.07 -31.26 -8.21
C3 MPD U . -6.95 -30.32 -7.49
C4 MPD U . -5.64 -30.41 -6.72
O4 MPD U . -4.66 -31.23 -7.38
C5 MPD U . -5.07 -29.02 -6.54
C1 MPD V . 1.49 -5.29 -9.57
C2 MPD V . 2.70 -6.19 -9.43
O2 MPD V . 3.68 -5.46 -8.69
CM MPD V . 2.32 -7.44 -8.70
C3 MPD V . 3.20 -6.52 -10.84
C4 MPD V . 4.39 -7.46 -11.02
O4 MPD V . 4.79 -7.23 -12.38
C5 MPD V . 5.62 -7.20 -10.17
#